data_2LKX
#
_entry.id   2LKX
#
loop_
_entity.id
_entity.type
_entity.pdbx_description
1 polymer 'Pituitary homeobox 3'
2 polymer "DNA (5'-D(*GP*CP*TP*CP*TP*AP*AP*TP*CP*CP*CP*CP*G)-3')"
3 polymer "DNA (5'-D(*CP*GP*GP*GP*GP*AP*TP*TP*AP*GP*AP*GP*C)-3')"
#
loop_
_entity_poly.entity_id
_entity_poly.type
_entity_poly.pdbx_seq_one_letter_code
_entity_poly.pdbx_strand_id
1 'polypeptide(L)' GSQRRQRTHFTSQQLQELEATFQRNRYPDMSTREEIAVWTNLTEARVRVWFKNRRAKWRKREEFIVTD A
2 'polydeoxyribonucleotide' (DG)(DC)(DT)(DC)(DT)(DA)(DA)(DT)(DC)(DC)(DC)(DC)(DG) B
3 'polydeoxyribonucleotide' (DC)(DG)(DG)(DG)(DG)(DA)(DT)(DT)(DA)(DG)(DA)(DG)(DC) C
#
# COMPACT_ATOMS: atom_id res chain seq x y z
N GLY A 1 13.44 -3.30 17.34
CA GLY A 1 12.14 -2.77 17.77
C GLY A 1 11.76 -3.26 19.16
N SER A 2 10.62 -2.78 19.67
CA SER A 2 10.13 -3.08 21.03
C SER A 2 8.72 -3.69 21.10
N GLN A 3 7.84 -3.40 20.13
CA GLN A 3 6.41 -3.73 20.15
C GLN A 3 6.06 -4.93 19.23
N ARG A 4 7.06 -5.73 18.82
CA ARG A 4 6.95 -6.77 17.78
C ARG A 4 6.31 -6.18 16.52
N ARG A 5 5.25 -6.80 15.98
CA ARG A 5 4.59 -6.37 14.74
C ARG A 5 3.07 -6.36 14.94
N GLN A 6 2.38 -5.34 14.43
CA GLN A 6 0.92 -5.18 14.60
C GLN A 6 0.14 -6.10 13.64
N ARG A 7 0.41 -5.93 12.33
CA ARG A 7 -0.16 -6.64 11.18
C ARG A 7 -1.67 -6.41 10.96
N THR A 8 -2.04 -6.23 9.69
CA THR A 8 -3.42 -6.29 9.14
C THR A 8 -4.44 -5.38 9.86
N HIS A 9 -5.74 -5.69 9.79
CA HIS A 9 -6.86 -4.81 10.15
C HIS A 9 -6.97 -3.51 9.33
N PHE A 10 -6.58 -3.53 8.04
CA PHE A 10 -7.02 -2.50 7.10
C PHE A 10 -8.54 -2.62 6.87
N THR A 11 -9.26 -1.50 6.93
CA THR A 11 -10.69 -1.45 6.60
C THR A 11 -10.90 -1.36 5.09
N SER A 12 -12.02 -1.89 4.60
CA SER A 12 -12.36 -1.87 3.16
C SER A 12 -12.42 -0.47 2.55
N GLN A 13 -12.76 0.56 3.34
CA GLN A 13 -12.70 1.94 2.89
C GLN A 13 -11.26 2.37 2.52
N GLN A 14 -10.23 1.92 3.25
CA GLN A 14 -8.84 2.23 2.90
C GLN A 14 -8.49 1.61 1.55
N LEU A 15 -8.85 0.34 1.37
CA LEU A 15 -8.58 -0.42 0.14
C LEU A 15 -9.25 0.22 -1.08
N GLN A 16 -10.45 0.78 -0.93
CA GLN A 16 -11.19 1.49 -1.98
C GLN A 16 -10.55 2.82 -2.45
N GLU A 17 -9.65 3.44 -1.68
CA GLU A 17 -8.81 4.55 -2.16
C GLU A 17 -7.42 4.07 -2.62
N LEU A 18 -6.85 3.07 -1.94
CA LEU A 18 -5.53 2.54 -2.25
C LEU A 18 -5.50 1.82 -3.61
N GLU A 19 -6.47 0.96 -3.91
CA GLU A 19 -6.57 0.25 -5.21
C GLU A 19 -6.93 1.20 -6.36
N ALA A 20 -7.85 2.15 -6.10
CA ALA A 20 -8.24 3.19 -7.06
C ALA A 20 -7.08 4.15 -7.39
N THR A 21 -6.07 4.22 -6.51
CA THR A 21 -4.81 4.93 -6.79
C THR A 21 -3.79 4.01 -7.48
N PHE A 22 -3.66 2.75 -7.06
CA PHE A 22 -2.73 1.76 -7.64
C PHE A 22 -3.02 1.44 -9.13
N GLN A 23 -4.26 1.64 -9.59
CA GLN A 23 -4.64 1.51 -11.01
C GLN A 23 -4.26 2.72 -11.90
N ARG A 24 -3.82 3.85 -11.30
CA ARG A 24 -3.38 5.08 -12.01
C ARG A 24 -1.93 5.49 -11.70
N ASN A 25 -1.37 5.06 -10.57
CA ASN A 25 0.01 5.33 -10.14
C ASN A 25 0.53 4.20 -9.23
N ARG A 26 1.42 3.33 -9.74
CA ARG A 26 2.05 2.23 -8.97
C ARG A 26 3.26 2.67 -8.12
N TYR A 27 3.79 3.86 -8.37
CA TYR A 27 5.02 4.38 -7.75
C TYR A 27 4.89 5.86 -7.28
N PRO A 28 3.97 6.18 -6.34
CA PRO A 28 3.77 7.54 -5.84
C PRO A 28 4.93 8.07 -4.96
N ASP A 29 5.27 9.35 -5.17
CA ASP A 29 6.17 10.16 -4.34
C ASP A 29 5.60 10.46 -2.94
N MET A 30 6.44 10.76 -1.94
CA MET A 30 5.98 11.08 -0.57
C MET A 30 4.95 12.22 -0.51
N SER A 31 5.07 13.21 -1.40
CA SER A 31 4.12 14.32 -1.57
C SER A 31 2.70 13.86 -1.91
N THR A 32 2.56 12.69 -2.57
CA THR A 32 1.29 12.02 -2.87
C THR A 32 0.94 10.97 -1.81
N ARG A 33 1.92 10.22 -1.27
CA ARG A 33 1.67 9.22 -0.22
C ARG A 33 1.14 9.85 1.07
N GLU A 34 1.53 11.09 1.39
CA GLU A 34 0.91 11.82 2.51
C GLU A 34 -0.53 12.29 2.22
N GLU A 35 -0.90 12.55 0.96
CA GLU A 35 -2.30 12.88 0.59
C GLU A 35 -3.20 11.65 0.75
N ILE A 36 -2.77 10.49 0.26
CA ILE A 36 -3.47 9.21 0.45
C ILE A 36 -3.69 8.92 1.94
N ALA A 37 -2.72 9.28 2.79
CA ALA A 37 -2.83 9.20 4.24
C ALA A 37 -3.84 10.20 4.83
N VAL A 38 -3.99 11.42 4.29
CA VAL A 38 -5.06 12.36 4.70
C VAL A 38 -6.44 11.78 4.43
N TRP A 39 -6.67 11.18 3.25
CA TRP A 39 -7.99 10.65 2.83
C TRP A 39 -8.45 9.41 3.63
N THR A 40 -7.53 8.75 4.34
CA THR A 40 -7.76 7.49 5.08
C THR A 40 -7.58 7.63 6.60
N ASN A 41 -7.05 8.77 7.06
CA ASN A 41 -6.53 9.05 8.40
C ASN A 41 -5.35 8.15 8.85
N LEU A 42 -4.57 7.69 7.88
CA LEU A 42 -3.28 7.02 8.05
C LEU A 42 -2.12 8.04 8.11
N THR A 43 -0.90 7.55 8.04
CA THR A 43 0.36 8.31 7.90
C THR A 43 1.20 7.72 6.75
N GLU A 44 2.13 8.49 6.20
CA GLU A 44 2.83 8.19 4.93
C GLU A 44 3.50 6.81 4.90
N ALA A 45 4.15 6.40 5.99
CA ALA A 45 4.79 5.09 6.08
C ALA A 45 3.79 3.92 5.95
N ARG A 46 2.55 4.09 6.45
CA ARG A 46 1.48 3.07 6.35
C ARG A 46 1.06 2.86 4.90
N VAL A 47 0.97 3.96 4.14
CA VAL A 47 0.74 3.92 2.68
C VAL A 47 1.93 3.29 1.97
N ARG A 48 3.18 3.65 2.32
CA ARG A 48 4.39 3.10 1.71
C ARG A 48 4.55 1.59 1.92
N VAL A 49 4.33 1.08 3.14
CA VAL A 49 4.41 -0.36 3.40
C VAL A 49 3.27 -1.12 2.70
N TRP A 50 2.08 -0.53 2.57
CA TRP A 50 1.01 -1.09 1.73
C TRP A 50 1.44 -1.16 0.26
N PHE A 51 2.00 -0.08 -0.30
CA PHE A 51 2.42 -0.02 -1.71
C PHE A 51 3.57 -0.98 -2.05
N LYS A 52 4.63 -1.08 -1.23
CA LYS A 52 5.70 -2.07 -1.49
C LYS A 52 5.21 -3.51 -1.28
N ASN A 53 4.33 -3.77 -0.30
CA ASN A 53 3.68 -5.09 -0.22
C ASN A 53 2.76 -5.37 -1.41
N ARG A 54 2.08 -4.37 -2.01
CA ARG A 54 1.25 -4.54 -3.20
C ARG A 54 2.07 -4.97 -4.42
N ARG A 55 3.24 -4.35 -4.63
CA ARG A 55 4.16 -4.76 -5.69
C ARG A 55 4.83 -6.12 -5.37
N ALA A 56 5.25 -6.34 -4.12
CA ALA A 56 5.82 -7.62 -3.69
C ALA A 56 4.84 -8.80 -3.79
N LYS A 57 3.54 -8.61 -3.47
CA LYS A 57 2.51 -9.67 -3.54
C LYS A 57 1.76 -9.72 -4.87
N TRP A 58 1.88 -8.71 -5.74
CA TRP A 58 1.82 -8.94 -7.18
C TRP A 58 2.87 -9.99 -7.58
N ARG A 59 4.15 -9.74 -7.31
CA ARG A 59 5.23 -10.65 -7.73
C ARG A 59 5.12 -12.04 -7.08
N LYS A 60 4.86 -12.13 -5.78
CA LYS A 60 4.73 -13.37 -5.01
C LYS A 60 3.40 -14.14 -5.23
N ARG A 61 2.58 -13.70 -6.19
CA ARG A 61 1.39 -14.43 -6.70
C ARG A 61 1.40 -14.61 -8.22
N GLU A 62 1.99 -13.68 -8.99
CA GLU A 62 1.90 -13.62 -10.46
C GLU A 62 3.26 -13.43 -11.18
N GLU A 63 4.30 -12.94 -10.49
CA GLU A 63 5.68 -12.55 -10.91
C GLU A 63 5.78 -11.51 -12.06
N PHE A 64 5.05 -11.73 -13.14
CA PHE A 64 5.02 -10.87 -14.33
C PHE A 64 3.59 -10.57 -14.83
N ILE A 65 2.61 -11.40 -14.50
CA ILE A 65 1.27 -11.34 -15.12
C ILE A 65 0.46 -10.15 -14.59
N VAL A 66 -0.08 -9.35 -15.52
CA VAL A 66 -0.96 -8.20 -15.28
C VAL A 66 -2.12 -8.24 -16.29
N THR A 67 -3.29 -7.73 -15.91
CA THR A 67 -4.43 -7.49 -16.83
C THR A 67 -4.76 -6.00 -17.01
N ASP A 68 -4.52 -5.18 -15.97
CA ASP A 68 -4.65 -3.71 -15.95
C ASP A 68 -5.93 -3.16 -16.61
N GLY A 1 15.94 -5.28 21.16
CA GLY A 1 15.54 -6.66 20.82
C GLY A 1 14.11 -6.95 21.20
N SER A 2 13.50 -7.94 20.56
CA SER A 2 12.11 -8.40 20.77
C SER A 2 11.06 -7.27 20.74
N GLN A 3 11.25 -6.30 19.84
CA GLN A 3 10.51 -5.04 19.81
C GLN A 3 10.27 -4.58 18.36
N ARG A 4 9.25 -5.13 17.70
CA ARG A 4 8.82 -4.83 16.33
C ARG A 4 7.31 -4.94 16.14
N ARG A 5 6.83 -4.40 15.02
CA ARG A 5 5.53 -4.67 14.38
C ARG A 5 4.28 -4.15 15.10
N GLN A 6 3.20 -4.17 14.33
CA GLN A 6 1.83 -3.70 14.59
C GLN A 6 0.85 -4.65 13.85
N ARG A 7 -0.46 -4.38 13.88
CA ARG A 7 -1.36 -4.82 12.80
C ARG A 7 -2.49 -3.80 12.60
N THR A 8 -2.99 -3.68 11.37
CA THR A 8 -4.29 -3.09 11.07
C THR A 8 -5.03 -3.94 10.04
N HIS A 9 -6.37 -3.96 10.10
CA HIS A 9 -7.24 -4.63 9.13
C HIS A 9 -7.92 -3.55 8.28
N PHE A 10 -7.35 -3.24 7.11
CA PHE A 10 -7.85 -2.16 6.23
C PHE A 10 -9.29 -2.41 5.77
N THR A 11 -10.11 -1.37 5.72
CA THR A 11 -11.54 -1.44 5.34
C THR A 11 -11.79 -1.02 3.89
N SER A 12 -12.92 -1.42 3.32
CA SER A 12 -13.26 -1.24 1.90
C SER A 12 -13.21 0.23 1.46
N GLN A 13 -13.65 1.16 2.31
CA GLN A 13 -13.60 2.60 2.04
C GLN A 13 -12.16 3.15 1.99
N GLN A 14 -11.21 2.55 2.72
CA GLN A 14 -9.78 2.86 2.64
C GLN A 14 -9.17 2.26 1.36
N LEU A 15 -9.51 1.00 1.03
CA LEU A 15 -9.04 0.31 -0.18
C LEU A 15 -9.43 1.06 -1.47
N GLN A 16 -10.59 1.73 -1.50
CA GLN A 16 -11.05 2.53 -2.64
C GLN A 16 -10.13 3.72 -3.03
N GLU A 17 -9.22 4.18 -2.17
CA GLU A 17 -8.12 5.08 -2.59
C GLU A 17 -6.87 4.31 -3.02
N LEU A 18 -6.53 3.22 -2.32
CA LEU A 18 -5.30 2.45 -2.55
C LEU A 18 -5.32 1.71 -3.90
N GLU A 19 -6.42 1.02 -4.22
CA GLU A 19 -6.57 0.30 -5.49
C GLU A 19 -6.70 1.25 -6.70
N ALA A 20 -7.41 2.37 -6.52
CA ALA A 20 -7.57 3.41 -7.53
C ALA A 20 -6.24 4.13 -7.83
N THR A 21 -5.40 4.31 -6.81
CA THR A 21 -4.03 4.83 -6.99
C THR A 21 -3.16 3.82 -7.74
N PHE A 22 -3.14 2.55 -7.33
CA PHE A 22 -2.38 1.49 -8.02
C PHE A 22 -2.73 1.34 -9.51
N GLN A 23 -3.99 1.58 -9.88
CA GLN A 23 -4.46 1.57 -11.28
C GLN A 23 -4.00 2.77 -12.12
N ARG A 24 -3.31 3.78 -11.55
CA ARG A 24 -2.79 4.97 -12.26
C ARG A 24 -1.35 5.39 -11.90
N ASN A 25 -0.80 4.88 -10.79
CA ASN A 25 0.52 5.19 -10.26
C ASN A 25 1.01 4.08 -9.30
N ARG A 26 2.14 3.43 -9.62
CA ARG A 26 2.83 2.47 -8.73
C ARG A 26 3.82 3.12 -7.74
N TYR A 27 4.15 4.41 -7.93
CA TYR A 27 5.25 5.10 -7.23
C TYR A 27 4.80 6.45 -6.64
N PRO A 28 3.91 6.46 -5.61
CA PRO A 28 3.47 7.68 -4.95
C PRO A 28 4.59 8.32 -4.12
N ASP A 29 4.77 9.64 -4.26
CA ASP A 29 5.77 10.44 -3.52
C ASP A 29 5.38 10.67 -2.05
N MET A 30 6.31 11.07 -1.20
CA MET A 30 6.02 11.47 0.20
C MET A 30 4.94 12.55 0.32
N SER A 31 4.86 13.46 -0.66
CA SER A 31 3.84 14.52 -0.76
C SER A 31 2.47 14.01 -1.22
N THR A 32 2.40 12.81 -1.81
CA THR A 32 1.18 12.17 -2.31
C THR A 32 0.68 11.08 -1.35
N ARG A 33 1.59 10.30 -0.75
CA ARG A 33 1.25 9.30 0.29
C ARG A 33 0.64 9.95 1.52
N GLU A 34 1.03 11.19 1.87
CA GLU A 34 0.37 11.89 2.98
C GLU A 34 -1.05 12.38 2.65
N GLU A 35 -1.37 12.74 1.40
CA GLU A 35 -2.75 13.03 0.98
C GLU A 35 -3.62 11.76 1.07
N ILE A 36 -3.13 10.65 0.53
CA ILE A 36 -3.79 9.32 0.64
C ILE A 36 -4.01 8.96 2.12
N ALA A 37 -3.04 9.25 2.99
CA ALA A 37 -3.15 9.04 4.43
C ALA A 37 -4.20 9.95 5.11
N VAL A 38 -4.44 11.18 4.61
CA VAL A 38 -5.56 12.01 5.09
C VAL A 38 -6.89 11.34 4.76
N TRP A 39 -7.15 10.99 3.50
CA TRP A 39 -8.46 10.47 3.06
C TRP A 39 -8.84 9.13 3.70
N THR A 40 -7.85 8.36 4.14
CA THR A 40 -7.97 7.01 4.73
C THR A 40 -7.73 6.94 6.23
N ASN A 41 -7.48 8.08 6.91
CA ASN A 41 -7.09 8.19 8.33
C ASN A 41 -5.85 7.33 8.71
N LEU A 42 -4.86 7.28 7.83
CA LEU A 42 -3.57 6.60 8.00
C LEU A 42 -2.46 7.59 8.42
N THR A 43 -1.24 7.07 8.56
CA THR A 43 0.01 7.82 8.42
C THR A 43 0.80 7.30 7.20
N GLU A 44 1.71 8.08 6.61
CA GLU A 44 2.32 7.73 5.31
C GLU A 44 3.13 6.42 5.35
N ALA A 45 3.71 6.07 6.50
CA ALA A 45 4.39 4.79 6.71
C ALA A 45 3.49 3.59 6.40
N ARG A 46 2.20 3.65 6.78
CA ARG A 46 1.23 2.57 6.51
C ARG A 46 0.85 2.51 5.02
N VAL A 47 0.84 3.64 4.33
CA VAL A 47 0.67 3.70 2.87
C VAL A 47 1.91 3.12 2.16
N ARG A 48 3.11 3.44 2.63
CA ARG A 48 4.39 2.90 2.12
C ARG A 48 4.49 1.38 2.34
N VAL A 49 4.11 0.92 3.52
CA VAL A 49 3.93 -0.50 3.88
C VAL A 49 2.94 -1.19 2.94
N TRP A 50 1.77 -0.58 2.67
CA TRP A 50 0.79 -1.16 1.76
C TRP A 50 1.35 -1.29 0.34
N PHE A 51 2.00 -0.25 -0.19
CA PHE A 51 2.57 -0.28 -1.55
C PHE A 51 3.69 -1.33 -1.69
N LYS A 52 4.68 -1.37 -0.78
CA LYS A 52 5.77 -2.37 -0.90
C LYS A 52 5.29 -3.81 -0.66
N ASN A 53 4.32 -4.04 0.23
CA ASN A 53 3.69 -5.36 0.34
C ASN A 53 2.74 -5.67 -0.83
N ARG A 54 2.20 -4.68 -1.54
CA ARG A 54 1.51 -4.87 -2.84
C ARG A 54 2.49 -5.23 -3.96
N ARG A 55 3.79 -4.95 -3.82
CA ARG A 55 4.86 -5.51 -4.68
C ARG A 55 5.25 -6.92 -4.24
N ALA A 56 5.33 -7.19 -2.94
CA ALA A 56 5.50 -8.54 -2.40
C ALA A 56 4.39 -9.49 -2.87
N LYS A 57 3.12 -9.08 -2.83
CA LYS A 57 1.95 -9.85 -3.33
C LYS A 57 2.17 -10.35 -4.76
N TRP A 58 2.63 -9.47 -5.67
CA TRP A 58 2.93 -9.81 -7.06
C TRP A 58 4.04 -10.87 -7.17
N ARG A 59 5.17 -10.69 -6.48
CA ARG A 59 6.29 -11.65 -6.52
C ARG A 59 5.92 -13.00 -5.86
N LYS A 60 5.17 -13.00 -4.75
CA LYS A 60 4.73 -14.19 -4.00
C LYS A 60 3.61 -14.98 -4.71
N ARG A 61 2.67 -14.29 -5.39
CA ARG A 61 1.46 -14.89 -6.00
C ARG A 61 1.66 -15.28 -7.48
N GLU A 62 2.33 -14.45 -8.28
CA GLU A 62 2.45 -14.65 -9.74
C GLU A 62 3.91 -14.74 -10.23
N GLU A 63 4.88 -14.36 -9.39
CA GLU A 63 6.33 -14.21 -9.67
C GLU A 63 6.70 -13.17 -10.74
N PHE A 64 5.96 -13.03 -11.84
CA PHE A 64 6.13 -11.94 -12.82
C PHE A 64 4.84 -11.51 -13.53
N ILE A 65 3.80 -12.35 -13.55
CA ILE A 65 2.58 -12.11 -14.34
C ILE A 65 1.67 -11.07 -13.65
N VAL A 66 1.08 -10.16 -14.43
CA VAL A 66 0.03 -9.25 -13.97
C VAL A 66 -0.94 -8.89 -15.11
N THR A 67 -2.24 -8.89 -14.82
CA THR A 67 -3.29 -8.28 -15.66
C THR A 67 -4.16 -7.36 -14.79
N ASP A 68 -4.01 -6.04 -14.97
CA ASP A 68 -4.67 -5.00 -14.15
C ASP A 68 -5.17 -3.80 -14.96
N GLY A 1 6.37 -1.53 21.20
CA GLY A 1 7.56 -1.07 21.93
C GLY A 1 8.82 -1.37 21.14
N SER A 2 9.30 -2.60 21.21
CA SER A 2 10.43 -3.14 20.42
C SER A 2 10.34 -4.66 20.29
N GLN A 3 11.17 -5.27 19.41
CA GLN A 3 11.21 -6.71 19.10
C GLN A 3 9.84 -7.35 18.80
N ARG A 4 8.95 -6.58 18.16
CA ARG A 4 7.60 -7.00 17.72
C ARG A 4 7.23 -6.36 16.38
N ARG A 5 6.26 -6.94 15.67
CA ARG A 5 5.60 -6.39 14.47
C ARG A 5 4.08 -6.33 14.69
N GLN A 6 3.32 -6.02 13.65
CA GLN A 6 1.85 -6.02 13.64
C GLN A 6 1.33 -6.62 12.33
N ARG A 7 0.03 -6.92 12.28
CA ARG A 7 -0.71 -7.27 11.06
C ARG A 7 -1.99 -6.43 10.91
N THR A 8 -2.89 -6.83 10.02
CA THR A 8 -3.73 -5.94 9.20
C THR A 8 -4.82 -5.15 9.94
N HIS A 9 -5.03 -3.90 9.50
CA HIS A 9 -6.24 -3.08 9.75
C HIS A 9 -6.60 -2.19 8.54
N PHE A 10 -6.41 -2.73 7.33
CA PHE A 10 -6.84 -2.10 6.08
C PHE A 10 -8.31 -2.45 5.80
N THR A 11 -9.22 -1.53 6.12
CA THR A 11 -10.67 -1.69 5.92
C THR A 11 -11.08 -1.36 4.49
N SER A 12 -12.28 -1.78 4.05
CA SER A 12 -12.80 -1.46 2.71
C SER A 12 -13.07 0.03 2.49
N GLN A 13 -13.17 0.85 3.55
CA GLN A 13 -13.17 2.32 3.44
C GLN A 13 -11.78 2.84 3.02
N GLN A 14 -10.69 2.20 3.48
CA GLN A 14 -9.31 2.58 3.10
C GLN A 14 -8.93 2.00 1.73
N LEU A 15 -9.20 0.70 1.52
CA LEU A 15 -8.73 -0.05 0.35
C LEU A 15 -9.26 0.52 -0.97
N GLN A 16 -10.51 1.02 -1.00
CA GLN A 16 -11.11 1.62 -2.19
C GLN A 16 -10.45 2.93 -2.64
N GLU A 17 -9.79 3.68 -1.75
CA GLU A 17 -8.96 4.85 -2.12
C GLU A 17 -7.61 4.39 -2.68
N LEU A 18 -7.03 3.36 -2.07
CA LEU A 18 -5.70 2.82 -2.37
C LEU A 18 -5.65 2.07 -3.71
N GLU A 19 -6.59 1.15 -3.97
CA GLU A 19 -6.61 0.36 -5.22
C GLU A 19 -6.92 1.21 -6.45
N ALA A 20 -7.84 2.18 -6.33
CA ALA A 20 -8.16 3.12 -7.39
C ALA A 20 -6.96 4.02 -7.71
N THR A 21 -6.16 4.39 -6.69
CA THR A 21 -4.87 5.06 -6.89
C THR A 21 -3.86 4.14 -7.61
N PHE A 22 -3.74 2.87 -7.20
CA PHE A 22 -2.82 1.91 -7.83
C PHE A 22 -3.13 1.69 -9.33
N GLN A 23 -4.41 1.70 -9.72
CA GLN A 23 -4.84 1.61 -11.12
C GLN A 23 -4.55 2.87 -11.98
N ARG A 24 -4.11 3.98 -11.37
CA ARG A 24 -3.64 5.19 -12.07
C ARG A 24 -2.16 5.52 -11.87
N ASN A 25 -1.53 5.07 -10.77
CA ASN A 25 -0.13 5.28 -10.43
C ASN A 25 0.37 4.18 -9.47
N ARG A 26 1.29 3.31 -9.90
CA ARG A 26 1.87 2.24 -9.04
C ARG A 26 2.94 2.74 -8.06
N TYR A 27 3.39 4.00 -8.19
CA TYR A 27 4.61 4.53 -7.57
C TYR A 27 4.42 5.92 -6.92
N PRO A 28 3.44 6.12 -6.01
CA PRO A 28 3.17 7.42 -5.39
C PRO A 28 4.36 7.95 -4.56
N ASP A 29 4.66 9.23 -4.75
CA ASP A 29 5.71 9.99 -4.03
C ASP A 29 5.28 10.35 -2.59
N MET A 30 6.21 10.77 -1.72
CA MET A 30 5.89 11.18 -0.33
C MET A 30 4.77 12.21 -0.18
N SER A 31 4.61 13.14 -1.13
CA SER A 31 3.56 14.15 -1.12
C SER A 31 2.19 13.59 -1.53
N THR A 32 2.17 12.60 -2.42
CA THR A 32 0.95 11.85 -2.79
C THR A 32 0.58 10.83 -1.69
N ARG A 33 1.56 10.14 -1.11
CA ARG A 33 1.34 9.18 0.00
C ARG A 33 0.78 9.86 1.26
N GLU A 34 1.15 11.11 1.54
CA GLU A 34 0.54 11.86 2.65
C GLU A 34 -0.86 12.42 2.33
N GLU A 35 -1.20 12.74 1.07
CA GLU A 35 -2.59 13.08 0.68
C GLU A 35 -3.53 11.88 0.85
N ILE A 36 -3.10 10.69 0.42
CA ILE A 36 -3.82 9.43 0.65
C ILE A 36 -4.05 9.23 2.16
N ALA A 37 -3.07 9.56 3.00
CA ALA A 37 -3.18 9.51 4.46
C ALA A 37 -4.12 10.60 5.05
N VAL A 38 -4.39 11.72 4.36
CA VAL A 38 -5.44 12.69 4.75
C VAL A 38 -6.83 12.17 4.38
N TRP A 39 -6.99 11.51 3.23
CA TRP A 39 -8.28 10.91 2.83
C TRP A 39 -8.65 9.70 3.71
N THR A 40 -7.69 8.83 3.99
CA THR A 40 -7.88 7.58 4.76
C THR A 40 -7.71 7.75 6.28
N ASN A 41 -7.27 8.92 6.74
CA ASN A 41 -6.88 9.17 8.14
C ASN A 41 -5.81 8.19 8.67
N LEU A 42 -4.86 7.82 7.82
CA LEU A 42 -3.69 6.99 8.13
C LEU A 42 -2.43 7.88 8.26
N THR A 43 -1.25 7.33 8.01
CA THR A 43 0.05 8.04 7.98
C THR A 43 0.92 7.53 6.81
N GLU A 44 1.75 8.42 6.26
CA GLU A 44 2.49 8.22 5.00
C GLU A 44 3.27 6.89 4.91
N ALA A 45 4.03 6.50 5.93
CA ALA A 45 4.81 5.25 5.87
C ALA A 45 3.90 4.00 5.88
N ARG A 46 2.70 4.08 6.48
CA ARG A 46 1.69 3.00 6.40
C ARG A 46 1.18 2.83 4.96
N VAL A 47 1.02 3.93 4.22
CA VAL A 47 0.72 3.92 2.77
C VAL A 47 1.91 3.38 1.97
N ARG A 48 3.15 3.73 2.35
CA ARG A 48 4.40 3.23 1.74
C ARG A 48 4.50 1.70 1.82
N VAL A 49 4.25 1.10 3.00
CA VAL A 49 4.28 -0.37 3.16
C VAL A 49 3.06 -1.08 2.58
N TRP A 50 1.91 -0.40 2.42
CA TRP A 50 0.80 -0.93 1.62
C TRP A 50 1.20 -1.04 0.15
N PHE A 51 1.74 0.03 -0.45
CA PHE A 51 2.14 0.04 -1.86
C PHE A 51 3.27 -0.95 -2.16
N LYS A 52 4.29 -1.08 -1.30
CA LYS A 52 5.36 -2.08 -1.51
C LYS A 52 4.82 -3.51 -1.50
N ASN A 53 3.92 -3.85 -0.58
CA ASN A 53 3.36 -5.20 -0.50
C ASN A 53 2.33 -5.48 -1.59
N ARG A 54 1.65 -4.45 -2.12
CA ARG A 54 0.82 -4.57 -3.31
C ARG A 54 1.64 -4.93 -4.55
N ARG A 55 2.78 -4.27 -4.77
CA ARG A 55 3.73 -4.60 -5.85
C ARG A 55 4.39 -5.96 -5.62
N ALA A 56 4.80 -6.28 -4.39
CA ALA A 56 5.42 -7.55 -4.03
C ALA A 56 4.44 -8.75 -4.08
N LYS A 57 3.11 -8.54 -4.09
CA LYS A 57 2.10 -9.61 -4.23
C LYS A 57 2.31 -10.44 -5.50
N TRP A 58 2.70 -9.78 -6.59
CA TRP A 58 3.13 -10.39 -7.85
C TRP A 58 4.24 -11.44 -7.65
N ARG A 59 5.19 -11.17 -6.74
CA ARG A 59 6.32 -12.04 -6.42
C ARG A 59 6.00 -13.08 -5.35
N LYS A 60 5.21 -12.72 -4.33
CA LYS A 60 4.91 -13.56 -3.15
C LYS A 60 3.69 -14.47 -3.30
N ARG A 61 2.79 -14.20 -4.25
CA ARG A 61 1.59 -15.01 -4.56
C ARG A 61 1.60 -15.62 -5.97
N GLU A 62 2.40 -15.10 -6.91
CA GLU A 62 2.46 -15.55 -8.32
C GLU A 62 3.87 -15.76 -8.90
N GLU A 63 4.93 -15.54 -8.11
CA GLU A 63 6.36 -15.54 -8.46
C GLU A 63 6.79 -14.55 -9.56
N PHE A 64 6.10 -14.54 -10.70
CA PHE A 64 6.28 -13.62 -11.84
C PHE A 64 5.04 -13.58 -12.77
N ILE A 65 4.00 -14.37 -12.52
CA ILE A 65 2.84 -14.51 -13.42
C ILE A 65 1.93 -13.28 -13.31
N VAL A 66 1.59 -12.70 -14.47
CA VAL A 66 0.65 -11.58 -14.64
C VAL A 66 0.16 -11.54 -16.10
N THR A 67 -1.06 -11.03 -16.37
CA THR A 67 -1.53 -10.85 -17.75
C THR A 67 -0.75 -9.73 -18.47
N ASP A 68 -0.34 -9.99 -19.71
CA ASP A 68 0.45 -9.05 -20.55
C ASP A 68 0.18 -9.17 -22.07
N GLY A 1 14.70 -1.23 20.05
CA GLY A 1 14.03 -2.36 19.38
C GLY A 1 13.19 -3.16 20.35
N SER A 2 12.00 -3.61 19.91
CA SER A 2 10.98 -4.31 20.71
C SER A 2 10.44 -5.61 20.08
N GLN A 3 10.86 -5.93 18.85
CA GLN A 3 10.60 -7.18 18.10
C GLN A 3 9.12 -7.61 17.97
N ARG A 4 8.23 -6.64 17.76
CA ARG A 4 6.81 -6.81 17.43
C ARG A 4 6.38 -5.94 16.23
N ARG A 5 5.30 -6.30 15.53
CA ARG A 5 4.71 -5.48 14.43
C ARG A 5 3.30 -4.97 14.78
N GLN A 6 2.94 -3.76 14.33
CA GLN A 6 1.57 -3.19 14.50
C GLN A 6 0.51 -4.18 13.98
N ARG A 7 0.61 -4.51 12.68
CA ARG A 7 -0.21 -5.41 11.85
C ARG A 7 -1.71 -5.10 11.76
N THR A 8 -2.37 -5.80 10.83
CA THR A 8 -3.52 -5.37 10.03
C THR A 8 -4.63 -4.70 10.84
N HIS A 9 -5.10 -3.54 10.38
CA HIS A 9 -6.21 -2.82 11.00
C HIS A 9 -7.02 -2.06 9.92
N PHE A 10 -7.56 -2.79 8.94
CA PHE A 10 -8.03 -2.22 7.66
C PHE A 10 -9.46 -2.64 7.27
N THR A 11 -10.08 -1.83 6.41
CA THR A 11 -11.46 -2.01 5.89
C THR A 11 -11.56 -1.66 4.41
N SER A 12 -12.60 -2.14 3.72
CA SER A 12 -12.88 -1.78 2.33
C SER A 12 -12.99 -0.27 2.11
N GLN A 13 -13.55 0.46 3.10
CA GLN A 13 -13.67 1.92 3.04
C GLN A 13 -12.31 2.64 2.97
N GLN A 14 -11.25 2.06 3.56
CA GLN A 14 -9.87 2.56 3.44
C GLN A 14 -9.22 2.07 2.13
N LEU A 15 -9.34 0.77 1.84
CA LEU A 15 -8.68 0.12 0.69
C LEU A 15 -9.21 0.62 -0.67
N GLN A 16 -10.47 1.07 -0.74
CA GLN A 16 -11.10 1.67 -1.93
C GLN A 16 -10.25 2.78 -2.58
N GLU A 17 -9.58 3.63 -1.79
CA GLU A 17 -8.78 4.73 -2.33
C GLU A 17 -7.37 4.28 -2.76
N LEU A 18 -6.86 3.21 -2.16
CA LEU A 18 -5.55 2.63 -2.48
C LEU A 18 -5.60 1.86 -3.80
N GLU A 19 -6.60 1.01 -4.02
CA GLU A 19 -6.80 0.32 -5.31
C GLU A 19 -7.12 1.29 -6.47
N ALA A 20 -7.93 2.33 -6.21
CA ALA A 20 -8.23 3.38 -7.19
C ALA A 20 -6.99 4.20 -7.58
N THR A 21 -6.05 4.40 -6.65
CA THR A 21 -4.77 5.07 -6.93
C THR A 21 -3.81 4.13 -7.67
N PHE A 22 -3.68 2.87 -7.24
CA PHE A 22 -2.83 1.86 -7.88
C PHE A 22 -3.17 1.65 -9.37
N GLN A 23 -4.45 1.74 -9.74
CA GLN A 23 -4.92 1.67 -11.13
C GLN A 23 -4.39 2.79 -12.05
N ARG A 24 -3.85 3.90 -11.52
CA ARG A 24 -3.35 5.05 -12.30
C ARG A 24 -1.88 5.42 -12.02
N ASN A 25 -1.39 5.19 -10.81
CA ASN A 25 -0.02 5.50 -10.39
C ASN A 25 0.46 4.47 -9.35
N ARG A 26 1.52 3.73 -9.67
CA ARG A 26 2.16 2.75 -8.76
C ARG A 26 3.34 3.33 -7.97
N TYR A 27 3.74 4.57 -8.27
CA TYR A 27 4.83 5.30 -7.59
C TYR A 27 4.43 6.75 -7.17
N PRO A 28 3.44 6.93 -6.28
CA PRO A 28 3.08 8.24 -5.72
C PRO A 28 4.12 8.79 -4.74
N ASP A 29 4.50 10.07 -4.89
CA ASP A 29 5.44 10.79 -4.02
C ASP A 29 4.95 10.87 -2.56
N MET A 30 5.87 10.97 -1.58
CA MET A 30 5.57 11.09 -0.15
C MET A 30 4.50 12.14 0.19
N SER A 31 4.48 13.28 -0.52
CA SER A 31 3.51 14.35 -0.29
C SER A 31 2.09 13.94 -0.74
N THR A 32 1.98 13.15 -1.81
CA THR A 32 0.72 12.53 -2.25
C THR A 32 0.32 11.35 -1.34
N ARG A 33 1.29 10.57 -0.85
CA ARG A 33 1.03 9.50 0.13
C ARG A 33 0.46 10.05 1.43
N GLU A 34 0.90 11.22 1.92
CA GLU A 34 0.28 11.81 3.11
C GLU A 34 -1.12 12.41 2.87
N GLU A 35 -1.42 12.93 1.68
CA GLU A 35 -2.81 13.33 1.33
C GLU A 35 -3.75 12.10 1.33
N ILE A 36 -3.31 10.98 0.72
CA ILE A 36 -4.04 9.70 0.77
C ILE A 36 -4.25 9.23 2.22
N ALA A 37 -3.27 9.48 3.10
CA ALA A 37 -3.38 9.18 4.54
C ALA A 37 -4.31 10.13 5.33
N VAL A 38 -4.64 11.33 4.82
CA VAL A 38 -5.74 12.15 5.38
C VAL A 38 -7.09 11.57 5.00
N TRP A 39 -7.24 11.12 3.74
CA TRP A 39 -8.48 10.51 3.25
C TRP A 39 -8.79 9.19 3.96
N THR A 40 -7.78 8.33 4.11
CA THR A 40 -7.89 6.94 4.62
C THR A 40 -7.53 6.76 6.11
N ASN A 41 -7.16 7.84 6.81
CA ASN A 41 -6.76 7.84 8.23
C ASN A 41 -5.55 6.92 8.52
N LEU A 42 -4.54 6.99 7.65
CA LEU A 42 -3.28 6.24 7.68
C LEU A 42 -2.12 7.16 8.12
N THR A 43 -0.87 6.81 7.79
CA THR A 43 0.27 7.73 7.68
C THR A 43 0.98 7.53 6.34
N GLU A 44 1.89 8.42 5.94
CA GLU A 44 2.71 8.26 4.72
C GLU A 44 3.38 6.88 4.65
N ALA A 45 3.98 6.43 5.76
CA ALA A 45 4.65 5.14 5.84
C ALA A 45 3.68 3.97 5.62
N ARG A 46 2.47 4.02 6.20
CA ARG A 46 1.46 2.96 6.00
C ARG A 46 1.01 2.84 4.54
N VAL A 47 0.92 3.96 3.82
CA VAL A 47 0.64 3.97 2.37
C VAL A 47 1.85 3.40 1.61
N ARG A 48 3.08 3.82 1.96
CA ARG A 48 4.34 3.35 1.34
C ARG A 48 4.47 1.82 1.41
N VAL A 49 4.24 1.22 2.58
CA VAL A 49 4.35 -0.23 2.75
C VAL A 49 3.25 -0.98 2.01
N TRP A 50 2.03 -0.45 1.97
CA TRP A 50 0.94 -1.06 1.18
C TRP A 50 1.28 -1.13 -0.31
N PHE A 51 1.94 -0.09 -0.86
CA PHE A 51 2.40 -0.09 -2.26
C PHE A 51 3.57 -1.05 -2.52
N LYS A 52 4.64 -1.07 -1.70
CA LYS A 52 5.75 -2.04 -1.93
C LYS A 52 5.30 -3.50 -1.76
N ASN A 53 4.39 -3.76 -0.81
CA ASN A 53 3.74 -5.08 -0.69
C ASN A 53 2.83 -5.41 -1.89
N ARG A 54 2.31 -4.41 -2.64
CA ARG A 54 1.46 -4.61 -3.83
C ARG A 54 2.21 -5.22 -5.02
N ARG A 55 3.50 -4.91 -5.18
CA ARG A 55 4.37 -5.59 -6.15
C ARG A 55 4.94 -6.91 -5.62
N ALA A 56 5.32 -6.96 -4.33
CA ALA A 56 5.74 -8.22 -3.70
C ALA A 56 4.64 -9.29 -3.79
N LYS A 57 3.36 -8.90 -3.79
CA LYS A 57 2.16 -9.74 -3.96
C LYS A 57 2.30 -10.79 -5.08
N TRP A 58 2.67 -10.38 -6.30
CA TRP A 58 2.82 -11.33 -7.41
C TRP A 58 4.04 -12.24 -7.21
N ARG A 59 5.10 -11.73 -6.56
CA ARG A 59 6.29 -12.51 -6.22
C ARG A 59 6.03 -13.55 -5.13
N LYS A 60 5.09 -13.31 -4.20
CA LYS A 60 4.63 -14.29 -3.19
C LYS A 60 3.86 -15.46 -3.80
N ARG A 61 2.97 -15.20 -4.77
CA ARG A 61 2.05 -16.20 -5.35
C ARG A 61 2.55 -16.85 -6.63
N GLU A 62 3.22 -16.10 -7.49
CA GLU A 62 3.51 -16.47 -8.89
C GLU A 62 4.97 -16.27 -9.32
N GLU A 63 5.84 -15.78 -8.42
CA GLU A 63 7.28 -15.43 -8.57
C GLU A 63 7.63 -14.38 -9.64
N PHE A 64 7.10 -14.46 -10.86
CA PHE A 64 7.42 -13.59 -12.00
C PHE A 64 6.21 -13.18 -12.86
N ILE A 65 5.02 -13.78 -12.67
CA ILE A 65 3.82 -13.46 -13.46
C ILE A 65 3.08 -12.27 -12.82
N VAL A 66 3.20 -11.08 -13.43
CA VAL A 66 2.67 -9.79 -12.90
C VAL A 66 1.14 -9.77 -12.70
N THR A 67 0.43 -10.68 -13.37
CA THR A 67 -0.99 -11.07 -13.18
C THR A 67 -2.06 -10.01 -13.48
N ASP A 68 -1.83 -8.72 -13.22
CA ASP A 68 -2.72 -7.59 -13.57
C ASP A 68 -1.96 -6.34 -14.00
N GLY A 1 13.19 -12.24 21.96
CA GLY A 1 13.68 -10.88 21.71
C GLY A 1 12.73 -9.86 22.31
N SER A 2 12.14 -9.01 21.48
CA SER A 2 11.03 -8.11 21.85
C SER A 2 9.92 -8.16 20.79
N GLN A 3 8.67 -8.06 21.24
CA GLN A 3 7.50 -8.21 20.38
C GLN A 3 7.11 -6.84 19.81
N ARG A 4 7.26 -6.69 18.49
CA ARG A 4 7.14 -5.43 17.73
C ARG A 4 6.09 -5.51 16.62
N ARG A 5 6.08 -6.61 15.85
CA ARG A 5 5.37 -6.77 14.57
C ARG A 5 3.88 -7.10 14.78
N GLN A 6 3.08 -6.86 13.76
CA GLN A 6 1.61 -6.89 13.79
C GLN A 6 1.07 -7.38 12.45
N ARG A 7 -0.26 -7.58 12.36
CA ARG A 7 -1.01 -7.70 11.10
C ARG A 7 -2.17 -6.69 11.06
N THR A 8 -3.14 -6.85 10.16
CA THR A 8 -4.05 -5.83 9.60
C THR A 8 -4.53 -4.72 10.55
N HIS A 9 -4.34 -3.46 10.13
CA HIS A 9 -4.94 -2.25 10.71
C HIS A 9 -5.60 -1.36 9.63
N PHE A 10 -6.27 -2.00 8.67
CA PHE A 10 -6.91 -1.36 7.51
C PHE A 10 -8.41 -1.68 7.42
N THR A 11 -9.24 -0.67 7.18
CA THR A 11 -10.68 -0.81 6.93
C THR A 11 -11.00 -0.82 5.43
N SER A 12 -12.16 -1.33 5.02
CA SER A 12 -12.54 -1.40 3.60
C SER A 12 -12.64 -0.01 2.96
N GLN A 13 -13.10 1.01 3.69
CA GLN A 13 -13.10 2.41 3.24
C GLN A 13 -11.68 2.94 2.96
N GLN A 14 -10.65 2.43 3.64
CA GLN A 14 -9.26 2.77 3.36
C GLN A 14 -8.74 2.02 2.12
N LEU A 15 -8.99 0.70 2.06
CA LEU A 15 -8.57 -0.16 0.94
C LEU A 15 -9.16 0.30 -0.41
N GLN A 16 -10.43 0.70 -0.44
CA GLN A 16 -11.14 1.11 -1.66
C GLN A 16 -10.53 2.33 -2.37
N GLU A 17 -9.90 3.27 -1.65
CA GLU A 17 -9.18 4.41 -2.27
C GLU A 17 -7.72 4.06 -2.63
N LEU A 18 -7.10 3.13 -1.89
CA LEU A 18 -5.73 2.66 -2.16
C LEU A 18 -5.67 1.85 -3.46
N GLU A 19 -6.62 0.93 -3.71
CA GLU A 19 -6.69 0.20 -4.98
C GLU A 19 -7.09 1.10 -6.17
N ALA A 20 -8.01 2.05 -5.95
CA ALA A 20 -8.42 3.03 -6.96
C ALA A 20 -7.28 3.98 -7.37
N THR A 21 -6.25 4.11 -6.53
CA THR A 21 -4.98 4.76 -6.86
C THR A 21 -4.03 3.81 -7.58
N PHE A 22 -3.81 2.59 -7.07
CA PHE A 22 -2.86 1.62 -7.64
C PHE A 22 -3.19 1.26 -9.10
N GLN A 23 -4.49 1.16 -9.44
CA GLN A 23 -4.95 0.90 -10.81
C GLN A 23 -4.69 2.06 -11.81
N ARG A 24 -4.18 3.21 -11.36
CA ARG A 24 -3.66 4.28 -12.23
C ARG A 24 -2.17 4.59 -12.02
N ASN A 25 -1.61 4.30 -10.83
CA ASN A 25 -0.25 4.66 -10.45
C ASN A 25 0.35 3.68 -9.43
N ARG A 26 1.39 2.92 -9.82
CA ARG A 26 2.12 1.99 -8.95
C ARG A 26 3.18 2.66 -8.05
N TYR A 27 3.50 3.94 -8.30
CA TYR A 27 4.63 4.67 -7.70
C TYR A 27 4.32 6.17 -7.38
N PRO A 28 3.29 6.48 -6.58
CA PRO A 28 2.98 7.86 -6.19
C PRO A 28 4.11 8.53 -5.39
N ASP A 29 4.33 9.82 -5.65
CA ASP A 29 5.36 10.64 -5.01
C ASP A 29 5.14 10.80 -3.49
N MET A 30 6.20 11.04 -2.72
CA MET A 30 6.12 11.34 -1.29
C MET A 30 5.08 12.44 -0.96
N SER A 31 4.99 13.49 -1.77
CA SER A 31 4.01 14.58 -1.59
C SER A 31 2.58 14.19 -1.97
N THR A 32 2.41 13.09 -2.73
CA THR A 32 1.11 12.52 -3.15
C THR A 32 0.64 11.44 -2.17
N ARG A 33 1.55 10.59 -1.66
CA ARG A 33 1.23 9.57 -0.63
C ARG A 33 0.65 10.19 0.63
N GLU A 34 1.09 11.39 1.01
CA GLU A 34 0.51 12.11 2.14
C GLU A 34 -0.85 12.76 1.86
N GLU A 35 -1.27 12.96 0.60
CA GLU A 35 -2.67 13.34 0.27
C GLU A 35 -3.60 12.14 0.35
N ILE A 36 -3.18 10.99 -0.20
CA ILE A 36 -3.91 9.70 -0.09
C ILE A 36 -4.15 9.33 1.39
N ALA A 37 -3.20 9.69 2.26
CA ALA A 37 -3.30 9.55 3.71
C ALA A 37 -4.38 10.44 4.37
N VAL A 38 -4.84 11.53 3.75
CA VAL A 38 -5.89 12.41 4.29
C VAL A 38 -7.27 11.73 4.16
N TRP A 39 -7.63 11.29 2.97
CA TRP A 39 -8.96 10.69 2.67
C TRP A 39 -9.18 9.41 3.49
N THR A 40 -8.11 8.63 3.62
CA THR A 40 -8.06 7.36 4.36
C THR A 40 -7.76 7.51 5.86
N ASN A 41 -7.41 8.71 6.35
CA ASN A 41 -6.97 8.96 7.74
C ASN A 41 -5.69 8.17 8.16
N LEU A 42 -4.86 7.79 7.18
CA LEU A 42 -3.52 7.21 7.38
C LEU A 42 -2.46 8.29 7.64
N THR A 43 -1.19 7.86 7.68
CA THR A 43 0.03 8.68 7.63
C THR A 43 0.91 8.14 6.48
N GLU A 44 1.75 8.97 5.84
CA GLU A 44 2.51 8.58 4.63
C GLU A 44 3.22 7.21 4.71
N ALA A 45 3.90 6.92 5.81
CA ALA A 45 4.58 5.63 6.01
C ALA A 45 3.63 4.42 5.95
N ARG A 46 2.38 4.57 6.43
CA ARG A 46 1.34 3.52 6.36
C ARG A 46 0.94 3.23 4.91
N VAL A 47 0.84 4.28 4.09
CA VAL A 47 0.60 4.16 2.64
C VAL A 47 1.80 3.52 1.95
N ARG A 48 3.03 3.91 2.33
CA ARG A 48 4.29 3.37 1.79
C ARG A 48 4.42 1.85 2.02
N VAL A 49 4.12 1.37 3.23
CA VAL A 49 4.06 -0.07 3.56
C VAL A 49 3.02 -0.79 2.68
N TRP A 50 1.80 -0.24 2.59
CA TRP A 50 0.74 -0.88 1.80
C TRP A 50 1.08 -0.99 0.32
N PHE A 51 1.73 0.04 -0.26
CA PHE A 51 2.18 0.05 -1.65
C PHE A 51 3.35 -0.90 -1.90
N LYS A 52 4.38 -0.94 -1.05
CA LYS A 52 5.49 -1.90 -1.23
C LYS A 52 5.03 -3.35 -1.07
N ASN A 53 4.06 -3.63 -0.20
CA ASN A 53 3.42 -4.96 -0.13
C ASN A 53 2.55 -5.27 -1.35
N ARG A 54 1.84 -4.29 -1.93
CA ARG A 54 1.09 -4.49 -3.19
C ARG A 54 2.01 -4.91 -4.34
N ARG A 55 3.22 -4.36 -4.39
CA ARG A 55 4.27 -4.77 -5.35
C ARG A 55 4.91 -6.12 -4.96
N ALA A 56 5.25 -6.34 -3.69
CA ALA A 56 5.79 -7.61 -3.20
C ALA A 56 4.86 -8.83 -3.47
N LYS A 57 3.53 -8.59 -3.51
CA LYS A 57 2.48 -9.57 -3.83
C LYS A 57 2.78 -10.37 -5.11
N TRP A 58 3.23 -9.72 -6.19
CA TRP A 58 3.48 -10.42 -7.46
C TRP A 58 4.62 -11.44 -7.33
N ARG A 59 5.64 -11.14 -6.52
CA ARG A 59 6.76 -12.07 -6.26
C ARG A 59 6.32 -13.27 -5.43
N LYS A 60 5.51 -13.02 -4.40
CA LYS A 60 4.92 -14.04 -3.52
C LYS A 60 3.93 -14.96 -4.26
N ARG A 61 3.34 -14.48 -5.36
CA ARG A 61 2.42 -15.24 -6.24
C ARG A 61 3.12 -15.99 -7.39
N GLU A 62 4.04 -15.33 -8.12
CA GLU A 62 4.56 -15.80 -9.41
C GLU A 62 6.10 -15.70 -9.57
N GLU A 63 6.85 -15.40 -8.51
CA GLU A 63 8.27 -14.97 -8.49
C GLU A 63 8.55 -13.64 -9.22
N PHE A 64 8.17 -13.51 -10.49
CA PHE A 64 8.50 -12.36 -11.33
C PHE A 64 7.34 -11.84 -12.21
N ILE A 65 6.33 -12.66 -12.51
CA ILE A 65 5.32 -12.35 -13.53
C ILE A 65 4.37 -11.24 -13.06
N VAL A 66 4.37 -10.10 -13.77
CA VAL A 66 3.51 -8.94 -13.52
C VAL A 66 3.32 -8.11 -14.78
N THR A 67 2.16 -7.46 -14.94
CA THR A 67 1.89 -6.45 -15.97
C THR A 67 1.29 -5.18 -15.36
N ASP A 68 1.56 -4.05 -16.00
CA ASP A 68 1.23 -2.67 -15.59
C ASP A 68 0.77 -1.78 -16.77
N GLY A 1 18.64 -8.87 18.31
CA GLY A 1 17.60 -8.04 18.94
C GLY A 1 16.29 -8.21 18.20
N SER A 2 15.16 -8.20 18.92
CA SER A 2 13.82 -8.47 18.38
C SER A 2 12.76 -7.50 18.91
N GLN A 3 11.80 -7.15 18.06
CA GLN A 3 10.67 -6.27 18.37
C GLN A 3 9.34 -6.90 17.91
N ARG A 4 8.25 -6.70 18.66
CA ARG A 4 6.89 -7.08 18.25
C ARG A 4 6.36 -6.08 17.21
N ARG A 5 5.87 -6.53 16.05
CA ARG A 5 5.32 -5.64 15.01
C ARG A 5 3.94 -5.10 15.38
N GLN A 6 3.45 -4.06 14.71
CA GLN A 6 2.18 -3.40 15.08
C GLN A 6 0.92 -4.09 14.54
N ARG A 7 1.03 -4.83 13.42
CA ARG A 7 0.01 -5.61 12.69
C ARG A 7 -1.42 -5.02 12.75
N THR A 8 -1.78 -4.28 11.71
CA THR A 8 -3.17 -3.83 11.43
C THR A 8 -3.96 -4.80 10.54
N HIS A 9 -5.20 -4.42 10.24
CA HIS A 9 -6.09 -4.99 9.22
C HIS A 9 -6.79 -3.85 8.46
N PHE A 10 -7.11 -4.05 7.18
CA PHE A 10 -7.54 -2.97 6.28
C PHE A 10 -9.00 -3.12 5.81
N THR A 11 -9.77 -2.03 5.86
CA THR A 11 -11.14 -2.01 5.33
C THR A 11 -11.15 -1.91 3.80
N SER A 12 -12.22 -2.36 3.17
CA SER A 12 -12.41 -2.17 1.72
C SER A 12 -12.45 -0.68 1.33
N GLN A 13 -12.92 0.24 2.20
CA GLN A 13 -12.80 1.68 1.95
C GLN A 13 -11.35 2.19 1.99
N GLN A 14 -10.52 1.74 2.95
CA GLN A 14 -9.09 2.10 2.96
C GLN A 14 -8.43 1.63 1.65
N LEU A 15 -8.75 0.42 1.20
CA LEU A 15 -8.28 -0.14 -0.06
C LEU A 15 -8.83 0.59 -1.30
N GLN A 16 -10.07 1.10 -1.29
CA GLN A 16 -10.70 1.78 -2.43
C GLN A 16 -10.13 3.17 -2.78
N GLU A 17 -9.27 3.77 -1.94
CA GLU A 17 -8.42 4.90 -2.34
C GLU A 17 -7.03 4.44 -2.81
N LEU A 18 -6.47 3.43 -2.13
CA LEU A 18 -5.14 2.87 -2.39
C LEU A 18 -5.06 2.12 -3.73
N GLU A 19 -5.98 1.19 -4.00
CA GLU A 19 -6.03 0.39 -5.23
C GLU A 19 -6.44 1.22 -6.44
N ALA A 20 -7.36 2.17 -6.26
CA ALA A 20 -7.78 3.10 -7.31
C ALA A 20 -6.63 4.02 -7.74
N THR A 21 -5.77 4.41 -6.79
CA THR A 21 -4.51 5.13 -7.10
C THR A 21 -3.49 4.19 -7.76
N PHE A 22 -3.28 2.99 -7.22
CA PHE A 22 -2.33 2.01 -7.76
C PHE A 22 -2.62 1.64 -9.23
N GLN A 23 -3.90 1.56 -9.63
CA GLN A 23 -4.33 1.30 -11.00
C GLN A 23 -4.12 2.48 -11.98
N ARG A 24 -3.61 3.64 -11.53
CA ARG A 24 -3.18 4.74 -12.42
C ARG A 24 -1.77 5.29 -12.11
N ASN A 25 -1.23 5.03 -10.92
CA ASN A 25 0.06 5.50 -10.45
C ASN A 25 0.65 4.46 -9.48
N ARG A 26 1.42 3.50 -10.00
CA ARG A 26 2.05 2.41 -9.22
C ARG A 26 3.22 2.88 -8.36
N TYR A 27 3.77 4.06 -8.67
CA TYR A 27 4.98 4.63 -8.06
C TYR A 27 4.73 6.10 -7.59
N PRO A 28 3.87 6.34 -6.58
CA PRO A 28 3.48 7.69 -6.15
C PRO A 28 4.61 8.44 -5.40
N ASP A 29 4.35 9.71 -5.07
CA ASP A 29 5.25 10.62 -4.33
C ASP A 29 4.83 10.85 -2.87
N MET A 30 5.76 11.24 -2.00
CA MET A 30 5.54 11.43 -0.55
C MET A 30 4.40 12.40 -0.20
N SER A 31 4.12 13.41 -1.03
CA SER A 31 3.04 14.36 -0.79
C SER A 31 1.68 13.77 -1.18
N THR A 32 1.62 13.02 -2.28
CA THR A 32 0.44 12.22 -2.65
C THR A 32 0.17 11.10 -1.64
N ARG A 33 1.22 10.43 -1.14
CA ARG A 33 1.10 9.38 -0.11
C ARG A 33 0.58 9.94 1.22
N GLU A 34 0.94 11.16 1.63
CA GLU A 34 0.37 11.76 2.85
C GLU A 34 -1.08 12.25 2.66
N GLU A 35 -1.48 12.69 1.47
CA GLU A 35 -2.89 13.06 1.19
C GLU A 35 -3.79 11.83 1.27
N ILE A 36 -3.40 10.71 0.63
CA ILE A 36 -4.11 9.43 0.73
C ILE A 36 -4.13 8.91 2.18
N ALA A 37 -3.09 9.21 2.97
CA ALA A 37 -3.06 8.90 4.40
C ALA A 37 -4.14 9.66 5.20
N VAL A 38 -4.50 10.90 4.82
CA VAL A 38 -5.66 11.61 5.42
C VAL A 38 -6.95 10.87 5.10
N TRP A 39 -7.17 10.50 3.83
CA TRP A 39 -8.42 9.88 3.37
C TRP A 39 -8.67 8.49 3.96
N THR A 40 -7.59 7.79 4.33
CA THR A 40 -7.61 6.40 4.84
C THR A 40 -7.28 6.28 6.34
N ASN A 41 -6.96 7.38 7.02
CA ASN A 41 -6.47 7.44 8.42
C ASN A 41 -5.19 6.61 8.66
N LEU A 42 -4.26 6.66 7.72
CA LEU A 42 -2.89 6.12 7.81
C LEU A 42 -1.88 7.24 8.10
N THR A 43 -0.58 6.94 7.98
CA THR A 43 0.49 7.94 7.75
C THR A 43 1.19 7.66 6.41
N GLU A 44 1.95 8.63 5.88
CA GLU A 44 2.74 8.46 4.63
C GLU A 44 3.56 7.18 4.62
N ALA A 45 4.27 6.88 5.72
CA ALA A 45 5.05 5.67 5.88
C ALA A 45 4.19 4.41 5.70
N ARG A 46 3.01 4.33 6.32
CA ARG A 46 2.09 3.18 6.18
C ARG A 46 1.50 3.05 4.77
N VAL A 47 1.24 4.17 4.09
CA VAL A 47 0.83 4.16 2.67
C VAL A 47 1.98 3.65 1.77
N ARG A 48 3.21 4.08 2.03
CA ARG A 48 4.42 3.61 1.31
C ARG A 48 4.66 2.12 1.52
N VAL A 49 4.50 1.63 2.75
CA VAL A 49 4.56 0.21 3.13
C VAL A 49 3.47 -0.59 2.43
N TRP A 50 2.23 -0.07 2.38
CA TRP A 50 1.16 -0.73 1.63
C TRP A 50 1.49 -0.84 0.14
N PHE A 51 1.99 0.22 -0.49
CA PHE A 51 2.35 0.21 -1.92
C PHE A 51 3.45 -0.82 -2.24
N LYS A 52 4.52 -0.90 -1.43
CA LYS A 52 5.56 -1.93 -1.64
C LYS A 52 5.04 -3.35 -1.35
N ASN A 53 4.17 -3.54 -0.36
CA ASN A 53 3.53 -4.84 -0.11
C ASN A 53 2.52 -5.24 -1.21
N ARG A 54 1.75 -4.31 -1.81
CA ARG A 54 0.84 -4.60 -2.92
C ARG A 54 1.60 -5.00 -4.19
N ARG A 55 2.77 -4.39 -4.47
CA ARG A 55 3.67 -4.85 -5.54
C ARG A 55 4.36 -6.17 -5.20
N ALA A 56 4.79 -6.36 -3.95
CA ALA A 56 5.37 -7.63 -3.48
C ALA A 56 4.34 -8.77 -3.43
N LYS A 57 3.04 -8.48 -3.44
CA LYS A 57 1.96 -9.47 -3.50
C LYS A 57 2.15 -10.43 -4.67
N TRP A 58 2.56 -9.96 -5.85
CA TRP A 58 2.76 -10.85 -7.02
C TRP A 58 3.97 -11.78 -6.87
N ARG A 59 5.04 -11.37 -6.18
CA ARG A 59 6.18 -12.28 -5.92
C ARG A 59 5.89 -13.24 -4.76
N LYS A 60 5.13 -12.82 -3.76
CA LYS A 60 4.76 -13.61 -2.58
C LYS A 60 3.67 -14.65 -2.89
N ARG A 61 2.64 -14.29 -3.66
CA ARG A 61 1.66 -15.20 -4.30
C ARG A 61 2.19 -15.88 -5.56
N GLU A 62 3.36 -15.45 -6.02
CA GLU A 62 4.20 -16.01 -7.08
C GLU A 62 3.63 -15.92 -8.51
N GLU A 63 4.28 -15.12 -9.35
CA GLU A 63 4.15 -15.20 -10.82
C GLU A 63 5.12 -16.24 -11.40
N PHE A 64 6.38 -16.23 -10.95
CA PHE A 64 7.45 -17.13 -11.44
C PHE A 64 8.47 -17.58 -10.38
N ILE A 65 8.52 -16.96 -9.18
CA ILE A 65 9.24 -17.57 -8.04
C ILE A 65 8.60 -18.92 -7.70
N VAL A 66 9.40 -19.95 -7.43
CA VAL A 66 8.91 -21.33 -7.24
C VAL A 66 9.76 -22.14 -6.25
N THR A 67 9.16 -23.14 -5.60
CA THR A 67 9.80 -24.16 -4.73
C THR A 67 9.08 -25.52 -4.86
N ASP A 68 9.55 -26.55 -4.15
CA ASP A 68 9.02 -27.92 -4.20
C ASP A 68 9.25 -28.72 -2.90
N GLY A 1 1.04 -9.15 26.50
CA GLY A 1 2.46 -8.79 26.43
C GLY A 1 2.66 -7.42 25.80
N SER A 2 3.73 -7.23 25.03
CA SER A 2 4.13 -5.93 24.47
C SER A 2 5.09 -6.04 23.27
N GLN A 3 5.26 -4.93 22.52
CA GLN A 3 6.16 -4.81 21.36
C GLN A 3 5.86 -5.83 20.24
N ARG A 4 4.59 -5.93 19.81
CA ARG A 4 4.18 -6.92 18.80
C ARG A 4 4.66 -6.54 17.40
N ARG A 5 5.13 -7.54 16.65
CA ARG A 5 5.47 -7.42 15.22
C ARG A 5 4.29 -7.78 14.31
N GLN A 6 4.35 -7.27 13.09
CA GLN A 6 3.61 -7.66 11.88
C GLN A 6 2.07 -7.71 11.92
N ARG A 7 1.47 -7.47 10.75
CA ARG A 7 0.02 -7.42 10.47
C ARG A 7 -0.73 -6.24 11.12
N THR A 8 -2.01 -6.15 10.78
CA THR A 8 -2.53 -4.96 10.08
C THR A 8 -2.89 -3.75 10.94
N HIS A 9 -2.68 -2.56 10.37
CA HIS A 9 -3.18 -1.26 10.82
C HIS A 9 -4.36 -0.74 9.97
N PHE A 10 -5.14 -1.63 9.33
CA PHE A 10 -6.02 -1.26 8.21
C PHE A 10 -7.48 -1.72 8.36
N THR A 11 -8.39 -0.94 7.78
CA THR A 11 -9.80 -1.27 7.52
C THR A 11 -10.09 -1.34 6.02
N SER A 12 -11.23 -1.93 5.64
CA SER A 12 -11.71 -1.95 4.25
C SER A 12 -11.86 -0.52 3.68
N GLN A 13 -12.32 0.42 4.50
CA GLN A 13 -12.43 1.84 4.15
C GLN A 13 -11.09 2.47 3.74
N GLN A 14 -9.98 2.06 4.37
CA GLN A 14 -8.64 2.54 4.04
C GLN A 14 -8.11 1.89 2.74
N LEU A 15 -8.31 0.57 2.58
CA LEU A 15 -7.93 -0.14 1.35
C LEU A 15 -8.66 0.36 0.10
N GLN A 16 -9.91 0.82 0.24
CA GLN A 16 -10.73 1.32 -0.87
C GLN A 16 -10.19 2.57 -1.59
N GLU A 17 -9.34 3.39 -0.96
CA GLU A 17 -8.63 4.49 -1.65
C GLU A 17 -7.26 4.05 -2.18
N LEU A 18 -6.59 3.13 -1.48
CA LEU A 18 -5.29 2.58 -1.86
C LEU A 18 -5.39 1.76 -3.16
N GLU A 19 -6.36 0.85 -3.27
CA GLU A 19 -6.55 0.03 -4.47
C GLU A 19 -7.12 0.85 -5.66
N ALA A 20 -7.97 1.84 -5.39
CA ALA A 20 -8.46 2.77 -6.40
C ALA A 20 -7.33 3.64 -7.00
N THR A 21 -6.33 3.98 -6.19
CA THR A 21 -5.10 4.63 -6.65
C THR A 21 -4.24 3.65 -7.44
N PHE A 22 -4.11 2.40 -7.00
CA PHE A 22 -3.35 1.35 -7.70
C PHE A 22 -3.95 0.96 -9.06
N GLN A 23 -5.26 1.17 -9.27
CA GLN A 23 -5.93 1.11 -10.58
C GLN A 23 -5.61 2.32 -11.52
N ARG A 24 -4.79 3.31 -11.11
CA ARG A 24 -4.41 4.48 -11.94
C ARG A 24 -2.93 4.90 -11.89
N ASN A 25 -2.17 4.51 -10.87
CA ASN A 25 -0.74 4.78 -10.69
C ASN A 25 -0.11 3.73 -9.75
N ARG A 26 0.97 3.06 -10.18
CA ARG A 26 1.70 2.04 -9.38
C ARG A 26 2.84 2.62 -8.53
N TYR A 27 3.28 3.85 -8.80
CA TYR A 27 4.46 4.48 -8.19
C TYR A 27 4.20 5.92 -7.69
N PRO A 28 3.27 6.14 -6.73
CA PRO A 28 3.01 7.46 -6.16
C PRO A 28 4.24 8.06 -5.46
N ASP A 29 4.43 9.36 -5.62
CA ASP A 29 5.57 10.12 -5.08
C ASP A 29 5.25 10.72 -3.71
N MET A 30 6.24 11.26 -2.98
CA MET A 30 6.08 11.76 -1.60
C MET A 30 4.95 12.78 -1.37
N SER A 31 4.59 13.56 -2.38
CA SER A 31 3.45 14.50 -2.35
C SER A 31 2.11 13.83 -2.67
N THR A 32 2.12 12.79 -3.53
CA THR A 32 0.95 11.95 -3.82
C THR A 32 0.59 11.07 -2.62
N ARG A 33 1.60 10.41 -2.03
CA ARG A 33 1.46 9.48 -0.89
C ARG A 33 0.97 10.17 0.37
N GLU A 34 1.31 11.45 0.60
CA GLU A 34 0.85 12.15 1.79
C GLU A 34 -0.62 12.57 1.74
N GLU A 35 -1.19 12.84 0.55
CA GLU A 35 -2.64 13.13 0.44
C GLU A 35 -3.47 11.86 0.65
N ILE A 36 -3.03 10.73 0.10
CA ILE A 36 -3.59 9.41 0.42
C ILE A 36 -3.54 9.16 1.94
N ALA A 37 -2.48 9.62 2.62
CA ALA A 37 -2.36 9.58 4.08
C ALA A 37 -3.25 10.59 4.84
N VAL A 38 -3.77 11.65 4.20
CA VAL A 38 -4.89 12.45 4.74
C VAL A 38 -6.19 11.66 4.63
N TRP A 39 -6.50 11.18 3.41
CA TRP A 39 -7.80 10.58 3.11
C TRP A 39 -8.04 9.26 3.86
N THR A 40 -6.99 8.44 4.01
CA THR A 40 -7.00 7.17 4.78
C THR A 40 -6.65 7.32 6.26
N ASN A 41 -6.28 8.53 6.73
CA ASN A 41 -5.77 8.81 8.08
C ASN A 41 -4.52 7.97 8.45
N LEU A 42 -3.48 8.02 7.61
CA LEU A 42 -2.20 7.30 7.72
C LEU A 42 -1.02 8.29 7.93
N THR A 43 0.22 7.84 7.75
CA THR A 43 1.35 8.69 7.36
C THR A 43 1.82 8.31 5.94
N GLU A 44 2.56 9.21 5.28
CA GLU A 44 3.12 8.97 3.93
C GLU A 44 3.92 7.66 3.86
N ALA A 45 4.74 7.38 4.86
CA ALA A 45 5.53 6.16 4.95
C ALA A 45 4.66 4.90 5.10
N ARG A 46 3.51 4.95 5.79
CA ARG A 46 2.58 3.82 5.85
C ARG A 46 1.89 3.55 4.51
N VAL A 47 1.59 4.59 3.73
CA VAL A 47 1.10 4.45 2.34
C VAL A 47 2.17 3.80 1.47
N ARG A 48 3.43 4.23 1.60
CA ARG A 48 4.59 3.64 0.90
C ARG A 48 4.77 2.15 1.23
N VAL A 49 4.68 1.79 2.51
CA VAL A 49 4.75 0.40 3.01
C VAL A 49 3.63 -0.46 2.41
N TRP A 50 2.39 0.05 2.34
CA TRP A 50 1.30 -0.68 1.68
C TRP A 50 1.57 -0.87 0.19
N PHE A 51 1.99 0.18 -0.52
CA PHE A 51 2.25 0.12 -1.97
C PHE A 51 3.34 -0.88 -2.31
N LYS A 52 4.47 -0.91 -1.58
CA LYS A 52 5.52 -1.92 -1.82
C LYS A 52 5.09 -3.33 -1.43
N ASN A 53 4.37 -3.54 -0.32
CA ASN A 53 3.86 -4.87 0.06
C ASN A 53 2.77 -5.39 -0.91
N ARG A 54 2.07 -4.50 -1.62
CA ARG A 54 1.15 -4.84 -2.72
C ARG A 54 1.89 -5.12 -4.03
N ARG A 55 2.85 -4.29 -4.44
CA ARG A 55 3.71 -4.53 -5.62
C ARG A 55 4.54 -5.82 -5.48
N ALA A 56 5.04 -6.12 -4.28
CA ALA A 56 5.92 -7.26 -4.03
C ALA A 56 5.30 -8.62 -4.45
N LYS A 57 3.97 -8.82 -4.37
CA LYS A 57 3.29 -10.00 -4.93
C LYS A 57 3.68 -10.27 -6.39
N TRP A 58 3.75 -9.22 -7.20
CA TRP A 58 4.13 -9.25 -8.63
C TRP A 58 5.57 -9.74 -8.88
N ARG A 59 6.42 -9.79 -7.84
CA ARG A 59 7.81 -10.28 -7.87
C ARG A 59 8.02 -11.57 -7.08
N LYS A 60 7.28 -11.75 -5.97
CA LYS A 60 7.24 -13.00 -5.17
C LYS A 60 6.58 -14.16 -5.94
N ARG A 61 5.65 -13.86 -6.86
CA ARG A 61 5.07 -14.80 -7.85
C ARG A 61 5.83 -14.83 -9.19
N GLU A 62 6.79 -13.93 -9.38
CA GLU A 62 7.65 -13.69 -10.55
C GLU A 62 6.92 -13.42 -11.89
N GLU A 63 7.05 -12.19 -12.39
CA GLU A 63 6.88 -11.84 -13.80
C GLU A 63 8.23 -11.52 -14.47
N PHE A 64 9.26 -11.12 -13.70
CA PHE A 64 10.61 -10.82 -14.19
C PHE A 64 11.38 -12.04 -14.72
N ILE A 65 10.90 -13.26 -14.42
CA ILE A 65 11.26 -14.61 -14.95
C ILE A 65 12.65 -14.70 -15.61
N VAL A 66 13.59 -15.35 -14.94
CA VAL A 66 14.95 -15.55 -15.45
C VAL A 66 14.97 -16.67 -16.49
N THR A 67 15.66 -16.46 -17.61
CA THR A 67 15.74 -17.39 -18.76
C THR A 67 17.19 -17.81 -19.11
N ASP A 68 18.19 -17.12 -18.56
CA ASP A 68 19.62 -17.49 -18.54
C ASP A 68 19.95 -18.48 -17.41
N GLY A 1 13.55 -7.34 24.90
CA GLY A 1 13.43 -8.55 24.06
C GLY A 1 12.88 -8.21 22.69
N SER A 2 12.72 -9.23 21.84
CA SER A 2 12.21 -9.09 20.46
C SER A 2 10.84 -8.39 20.41
N GLN A 3 10.64 -7.56 19.40
CA GLN A 3 9.46 -6.69 19.27
C GLN A 3 8.25 -7.46 18.73
N ARG A 4 7.10 -7.31 19.39
CA ARG A 4 5.81 -7.85 18.90
C ARG A 4 5.21 -6.96 17.82
N ARG A 5 4.46 -7.51 16.86
CA ARG A 5 3.87 -6.74 15.76
C ARG A 5 2.36 -6.95 15.58
N GLN A 6 1.71 -5.94 15.03
CA GLN A 6 0.39 -6.06 14.38
C GLN A 6 0.56 -6.52 12.92
N ARG A 7 -0.52 -7.01 12.30
CA ARG A 7 -0.63 -7.19 10.83
C ARG A 7 -2.00 -6.72 10.33
N THR A 8 -2.05 -6.41 9.03
CA THR A 8 -3.28 -6.25 8.23
C THR A 8 -4.22 -5.16 8.80
N HIS A 9 -3.63 -4.07 9.28
CA HIS A 9 -4.35 -2.95 9.90
C HIS A 9 -4.88 -1.96 8.86
N PHE A 10 -5.71 -2.46 7.93
CA PHE A 10 -6.41 -1.71 6.88
C PHE A 10 -7.90 -2.12 6.84
N THR A 11 -8.82 -1.19 6.58
CA THR A 11 -10.26 -1.44 6.38
C THR A 11 -10.65 -1.37 4.89
N SER A 12 -11.80 -1.93 4.50
CA SER A 12 -12.35 -1.76 3.14
C SER A 12 -12.54 -0.28 2.75
N GLN A 13 -12.86 0.59 3.72
CA GLN A 13 -12.98 2.04 3.51
C GLN A 13 -11.62 2.68 3.14
N GLN A 14 -10.54 2.25 3.77
CA GLN A 14 -9.18 2.75 3.46
C GLN A 14 -8.66 2.16 2.14
N LEU A 15 -8.89 0.87 1.92
CA LEU A 15 -8.54 0.18 0.68
C LEU A 15 -9.23 0.81 -0.55
N GLN A 16 -10.46 1.29 -0.41
CA GLN A 16 -11.22 2.00 -1.45
C GLN A 16 -10.66 3.39 -1.86
N GLU A 17 -9.60 3.88 -1.23
CA GLU A 17 -8.79 5.00 -1.79
C GLU A 17 -7.39 4.56 -2.23
N LEU A 18 -6.82 3.53 -1.60
CA LEU A 18 -5.53 2.94 -1.98
C LEU A 18 -5.62 2.23 -3.35
N GLU A 19 -6.62 1.38 -3.57
CA GLU A 19 -6.82 0.70 -4.86
C GLU A 19 -7.29 1.67 -5.96
N ALA A 20 -8.12 2.66 -5.60
CA ALA A 20 -8.51 3.76 -6.50
C ALA A 20 -7.31 4.62 -6.95
N THR A 21 -6.18 4.56 -6.22
CA THR A 21 -4.89 5.10 -6.69
C THR A 21 -4.12 4.07 -7.51
N PHE A 22 -4.04 2.81 -7.05
CA PHE A 22 -3.30 1.73 -7.73
C PHE A 22 -3.77 1.45 -9.18
N GLN A 23 -5.04 1.77 -9.50
CA GLN A 23 -5.58 1.72 -10.87
C GLN A 23 -5.00 2.79 -11.83
N ARG A 24 -4.44 3.90 -11.30
CA ARG A 24 -3.94 5.06 -12.06
C ARG A 24 -2.47 5.42 -11.82
N ASN A 25 -1.86 4.95 -10.72
CA ASN A 25 -0.46 5.19 -10.38
C ASN A 25 0.06 4.08 -9.45
N ARG A 26 1.24 3.52 -9.74
CA ARG A 26 1.91 2.45 -8.97
C ARG A 26 3.13 2.95 -8.19
N TYR A 27 3.60 4.18 -8.44
CA TYR A 27 4.80 4.79 -7.83
C TYR A 27 4.54 6.26 -7.38
N PRO A 28 3.49 6.53 -6.58
CA PRO A 28 3.06 7.89 -6.23
C PRO A 28 4.09 8.66 -5.38
N ASP A 29 4.21 9.96 -5.63
CA ASP A 29 5.11 10.90 -4.94
C ASP A 29 4.68 11.18 -3.49
N MET A 30 5.61 11.61 -2.62
CA MET A 30 5.33 12.04 -1.23
C MET A 30 4.09 12.94 -1.09
N SER A 31 3.89 13.88 -2.02
CA SER A 31 2.76 14.83 -2.02
C SER A 31 1.40 14.15 -2.21
N THR A 32 1.37 13.10 -3.04
CA THR A 32 0.21 12.24 -3.27
C THR A 32 0.02 11.25 -2.11
N ARG A 33 1.11 10.66 -1.60
CA ARG A 33 1.05 9.69 -0.49
C ARG A 33 0.58 10.33 0.82
N GLU A 34 0.98 11.57 1.11
CA GLU A 34 0.48 12.29 2.30
C GLU A 34 -1.00 12.68 2.19
N GLU A 35 -1.52 12.98 0.99
CA GLU A 35 -2.94 13.28 0.78
C GLU A 35 -3.82 12.02 0.86
N ILE A 36 -3.38 10.90 0.28
CA ILE A 36 -4.04 9.59 0.46
C ILE A 36 -4.09 9.22 1.95
N ALA A 37 -3.03 9.52 2.69
CA ALA A 37 -2.99 9.37 4.15
C ALA A 37 -3.96 10.33 4.88
N VAL A 38 -4.16 11.58 4.41
CA VAL A 38 -5.20 12.50 4.94
C VAL A 38 -6.61 11.90 4.75
N TRP A 39 -6.94 11.42 3.55
CA TRP A 39 -8.27 10.86 3.25
C TRP A 39 -8.56 9.59 4.08
N THR A 40 -7.58 8.68 4.16
CA THR A 40 -7.72 7.36 4.82
C THR A 40 -7.37 7.36 6.32
N ASN A 41 -6.89 8.48 6.85
CA ASN A 41 -6.31 8.61 8.20
C ASN A 41 -5.15 7.62 8.50
N LEU A 42 -4.37 7.30 7.46
CA LEU A 42 -3.05 6.67 7.55
C LEU A 42 -1.96 7.75 7.77
N THR A 43 -0.70 7.33 7.75
CA THR A 43 0.47 8.20 7.51
C THR A 43 1.15 7.84 6.19
N GLU A 44 2.03 8.71 5.67
CA GLU A 44 2.76 8.50 4.43
C GLU A 44 3.52 7.16 4.42
N ALA A 45 4.18 6.81 5.53
CA ALA A 45 4.85 5.53 5.72
C ALA A 45 3.90 4.34 5.54
N ARG A 46 2.71 4.38 6.16
CA ARG A 46 1.69 3.31 6.03
C ARG A 46 1.18 3.16 4.60
N VAL A 47 1.04 4.26 3.86
CA VAL A 47 0.71 4.24 2.42
C VAL A 47 1.87 3.62 1.62
N ARG A 48 3.13 4.01 1.89
CA ARG A 48 4.33 3.46 1.23
C ARG A 48 4.46 1.95 1.43
N VAL A 49 4.24 1.46 2.65
CA VAL A 49 4.26 0.02 2.99
C VAL A 49 3.17 -0.75 2.25
N TRP A 50 1.94 -0.23 2.18
CA TRP A 50 0.88 -0.86 1.37
C TRP A 50 1.28 -0.93 -0.12
N PHE A 51 1.86 0.14 -0.67
CA PHE A 51 2.28 0.19 -2.07
C PHE A 51 3.40 -0.81 -2.41
N LYS A 52 4.48 -0.90 -1.63
CA LYS A 52 5.52 -1.91 -1.89
C LYS A 52 4.99 -3.34 -1.77
N ASN A 53 4.13 -3.65 -0.80
CA ASN A 53 3.52 -4.98 -0.67
C ASN A 53 2.53 -5.30 -1.82
N ARG A 54 1.77 -4.32 -2.34
CA ARG A 54 0.85 -4.51 -3.48
C ARG A 54 1.58 -4.86 -4.78
N ARG A 55 2.76 -4.27 -5.00
CA ARG A 55 3.66 -4.61 -6.11
C ARG A 55 4.39 -5.93 -5.85
N ALA A 56 4.89 -6.16 -4.63
CA ALA A 56 5.61 -7.37 -4.24
C ALA A 56 4.74 -8.64 -4.15
N LYS A 57 3.43 -8.59 -4.44
CA LYS A 57 2.55 -9.75 -4.59
C LYS A 57 3.12 -10.78 -5.59
N TRP A 58 3.81 -10.32 -6.63
CA TRP A 58 4.56 -11.15 -7.60
C TRP A 58 5.67 -12.01 -6.95
N ARG A 59 6.26 -11.55 -5.83
CA ARG A 59 7.24 -12.30 -5.02
C ARG A 59 6.59 -13.09 -3.88
N LYS A 60 5.58 -12.50 -3.19
CA LYS A 60 5.01 -13.02 -1.93
C LYS A 60 3.79 -13.96 -2.10
N ARG A 61 3.18 -14.01 -3.29
CA ARG A 61 2.07 -14.92 -3.64
C ARG A 61 2.39 -15.79 -4.86
N GLU A 62 3.18 -15.28 -5.80
CA GLU A 62 3.51 -15.98 -7.06
C GLU A 62 4.96 -16.50 -7.15
N GLU A 63 5.78 -16.26 -6.12
CA GLU A 63 7.24 -16.50 -6.02
C GLU A 63 8.11 -15.78 -7.07
N PHE A 64 7.76 -15.84 -8.35
CA PHE A 64 8.51 -15.24 -9.46
C PHE A 64 7.64 -14.72 -10.63
N ILE A 65 6.35 -15.09 -10.72
CA ILE A 65 5.48 -14.78 -11.87
C ILE A 65 4.83 -13.40 -11.73
N VAL A 66 4.68 -12.67 -12.85
CA VAL A 66 4.07 -11.33 -12.88
C VAL A 66 2.56 -11.35 -12.58
N THR A 67 2.13 -10.45 -11.68
CA THR A 67 0.71 -10.16 -11.37
C THR A 67 0.16 -9.03 -12.27
N ASP A 68 -1.12 -9.10 -12.63
CA ASP A 68 -1.77 -8.16 -13.57
C ASP A 68 -1.95 -6.74 -13.00
N GLY A 1 15.38 -9.68 22.27
CA GLY A 1 14.37 -10.73 22.16
C GLY A 1 13.72 -10.66 20.79
N SER A 2 12.45 -11.00 20.68
CA SER A 2 11.72 -10.96 19.39
C SER A 2 11.32 -9.53 19.02
N GLN A 3 11.42 -9.17 17.73
CA GLN A 3 11.24 -7.81 17.22
C GLN A 3 9.75 -7.48 16.95
N ARG A 4 8.94 -7.58 18.01
CA ARG A 4 7.48 -7.38 18.07
C ARG A 4 7.00 -6.18 17.23
N ARG A 5 5.86 -6.33 16.54
CA ARG A 5 5.31 -5.35 15.58
C ARG A 5 3.89 -4.91 15.91
N GLN A 6 3.55 -3.66 15.58
CA GLN A 6 2.21 -3.10 15.77
C GLN A 6 1.11 -3.81 14.97
N ARG A 7 1.26 -3.87 13.64
CA ARG A 7 0.30 -4.32 12.61
C ARG A 7 -1.05 -3.59 12.62
N THR A 8 -1.34 -2.79 11.60
CA THR A 8 -2.64 -2.11 11.44
C THR A 8 -3.69 -2.99 10.74
N HIS A 9 -4.96 -2.67 10.96
CA HIS A 9 -6.13 -3.20 10.27
C HIS A 9 -6.68 -2.20 9.24
N PHE A 10 -7.27 -2.70 8.16
CA PHE A 10 -7.90 -1.88 7.11
C PHE A 10 -9.37 -2.28 6.86
N THR A 11 -10.25 -1.29 6.81
CA THR A 11 -11.62 -1.46 6.28
C THR A 11 -11.60 -1.45 4.75
N SER A 12 -12.62 -2.04 4.11
CA SER A 12 -12.69 -2.07 2.63
C SER A 12 -12.80 -0.66 2.03
N GLN A 13 -13.44 0.28 2.74
CA GLN A 13 -13.48 1.71 2.39
C GLN A 13 -12.08 2.36 2.36
N GLN A 14 -11.13 1.92 3.19
CA GLN A 14 -9.74 2.37 3.12
C GLN A 14 -9.02 1.75 1.92
N LEU A 15 -9.14 0.43 1.74
CA LEU A 15 -8.44 -0.32 0.68
C LEU A 15 -8.84 0.13 -0.73
N GLN A 16 -10.11 0.48 -0.95
CA GLN A 16 -10.60 0.83 -2.29
C GLN A 16 -9.90 2.06 -2.88
N GLU A 17 -9.36 2.96 -2.06
CA GLU A 17 -8.62 4.16 -2.51
C GLU A 17 -7.15 3.86 -2.82
N LEU A 18 -6.57 2.86 -2.15
CA LEU A 18 -5.17 2.46 -2.31
C LEU A 18 -4.97 1.70 -3.62
N GLU A 19 -5.87 0.75 -3.95
CA GLU A 19 -5.86 0.10 -5.27
C GLU A 19 -6.15 1.10 -6.41
N ALA A 20 -7.10 2.02 -6.21
CA ALA A 20 -7.42 3.07 -7.17
C ALA A 20 -6.25 4.03 -7.41
N THR A 21 -5.39 4.24 -6.41
CA THR A 21 -4.12 4.95 -6.57
C THR A 21 -3.11 4.10 -7.34
N PHE A 22 -2.84 2.86 -6.90
CA PHE A 22 -1.83 1.99 -7.50
C PHE A 22 -2.07 1.77 -9.01
N GLN A 23 -3.34 1.65 -9.43
CA GLN A 23 -3.75 1.44 -10.82
C GLN A 23 -3.60 2.69 -11.73
N ARG A 24 -3.44 3.89 -11.17
CA ARG A 24 -3.16 5.14 -11.92
C ARG A 24 -1.74 5.70 -11.68
N ASN A 25 -1.12 5.37 -10.55
CA ASN A 25 0.15 5.89 -10.09
C ASN A 25 0.82 4.88 -9.13
N ARG A 26 1.85 4.17 -9.60
CA ARG A 26 2.68 3.25 -8.78
C ARG A 26 3.67 3.98 -7.85
N TYR A 27 3.81 5.30 -7.99
CA TYR A 27 4.87 6.12 -7.39
C TYR A 27 4.34 7.45 -6.82
N PRO A 28 3.38 7.44 -5.87
CA PRO A 28 2.87 8.65 -5.25
C PRO A 28 3.96 9.33 -4.40
N ASP A 29 4.13 10.64 -4.61
CA ASP A 29 5.07 11.50 -3.88
C ASP A 29 4.52 11.86 -2.47
N MET A 30 5.36 12.41 -1.60
CA MET A 30 4.98 12.74 -0.21
C MET A 30 3.69 13.58 -0.09
N SER A 31 3.53 14.58 -0.98
CA SER A 31 2.35 15.44 -1.13
C SER A 31 1.08 14.65 -1.44
N THR A 32 1.20 13.62 -2.28
CA THR A 32 0.12 12.72 -2.73
C THR A 32 -0.21 11.67 -1.68
N ARG A 33 0.81 11.06 -1.07
CA ARG A 33 0.64 10.05 0.00
C ARG A 33 0.00 10.65 1.24
N GLU A 34 0.38 11.86 1.64
CA GLU A 34 -0.21 12.46 2.84
C GLU A 34 -1.67 12.91 2.64
N GLU A 35 -2.07 13.32 1.42
CA GLU A 35 -3.49 13.51 1.05
C GLU A 35 -4.30 12.21 1.12
N ILE A 36 -3.80 11.11 0.51
CA ILE A 36 -4.47 9.80 0.55
C ILE A 36 -4.60 9.30 1.99
N ALA A 37 -3.57 9.53 2.81
CA ALA A 37 -3.57 9.24 4.24
C ALA A 37 -4.57 10.12 5.03
N VAL A 38 -4.84 11.36 4.61
CA VAL A 38 -5.91 12.21 5.19
C VAL A 38 -7.30 11.64 4.88
N TRP A 39 -7.57 11.21 3.65
CA TRP A 39 -8.88 10.66 3.27
C TRP A 39 -9.20 9.34 3.99
N THR A 40 -8.19 8.46 4.09
CA THR A 40 -8.31 7.09 4.63
C THR A 40 -7.92 6.94 6.12
N ASN A 41 -7.47 8.03 6.74
CA ASN A 41 -6.87 8.10 8.07
C ASN A 41 -5.66 7.16 8.29
N LEU A 42 -4.84 6.99 7.26
CA LEU A 42 -3.53 6.32 7.28
C LEU A 42 -2.41 7.29 7.71
N THR A 43 -1.15 6.92 7.45
CA THR A 43 0.01 7.83 7.40
C THR A 43 0.67 7.79 6.02
N GLU A 44 1.46 8.82 5.73
CA GLU A 44 2.35 8.92 4.56
C GLU A 44 3.31 7.73 4.43
N ALA A 45 3.68 7.08 5.55
CA ALA A 45 4.41 5.82 5.55
C ALA A 45 3.52 4.58 5.33
N ARG A 46 2.28 4.51 5.88
CA ARG A 46 1.38 3.37 5.64
C ARG A 46 1.10 3.16 4.15
N VAL A 47 1.01 4.24 3.36
CA VAL A 47 0.84 4.16 1.90
C VAL A 47 2.03 3.45 1.24
N ARG A 48 3.27 3.82 1.58
CA ARG A 48 4.50 3.15 1.09
C ARG A 48 4.49 1.66 1.41
N VAL A 49 4.21 1.33 2.67
CA VAL A 49 4.17 -0.05 3.17
C VAL A 49 3.09 -0.86 2.46
N TRP A 50 1.90 -0.29 2.21
CA TRP A 50 0.85 -0.98 1.45
C TRP A 50 1.28 -1.28 0.01
N PHE A 51 2.03 -0.38 -0.64
CA PHE A 51 2.53 -0.54 -2.01
C PHE A 51 3.57 -1.66 -2.12
N LYS A 52 4.63 -1.67 -1.28
CA LYS A 52 5.63 -2.77 -1.32
C LYS A 52 5.04 -4.13 -0.92
N ASN A 53 4.12 -4.17 0.03
CA ASN A 53 3.40 -5.42 0.36
C ASN A 53 2.44 -5.88 -0.78
N ARG A 54 2.12 -5.02 -1.78
CA ARG A 54 1.42 -5.40 -3.03
C ARG A 54 2.37 -5.86 -4.14
N ARG A 55 3.58 -5.28 -4.24
CA ARG A 55 4.67 -5.84 -5.09
C ARG A 55 5.00 -7.27 -4.69
N ALA A 56 5.02 -7.57 -3.39
CA ALA A 56 5.20 -8.92 -2.87
C ALA A 56 4.15 -9.91 -3.41
N LYS A 57 2.86 -9.56 -3.40
CA LYS A 57 1.77 -10.43 -3.90
C LYS A 57 1.87 -10.78 -5.39
N TRP A 58 2.48 -9.92 -6.22
CA TRP A 58 2.83 -10.29 -7.60
C TRP A 58 3.94 -11.34 -7.60
N ARG A 59 5.13 -11.02 -7.08
CA ARG A 59 6.28 -11.95 -7.12
C ARG A 59 6.12 -13.21 -6.26
N LYS A 60 5.11 -13.30 -5.40
CA LYS A 60 4.74 -14.51 -4.63
C LYS A 60 3.76 -15.45 -5.36
N ARG A 61 3.32 -15.12 -6.58
CA ARG A 61 2.69 -16.09 -7.51
C ARG A 61 3.23 -16.03 -8.95
N GLU A 62 3.97 -14.96 -9.29
CA GLU A 62 4.77 -14.86 -10.51
C GLU A 62 6.08 -14.07 -10.31
N GLU A 63 7.09 -14.68 -9.69
CA GLU A 63 8.51 -14.23 -9.80
C GLU A 63 9.10 -14.39 -11.22
N PHE A 64 8.29 -14.84 -12.17
CA PHE A 64 8.64 -15.22 -13.55
C PHE A 64 7.81 -14.49 -14.64
N ILE A 65 6.98 -13.50 -14.27
CA ILE A 65 6.25 -12.63 -15.22
C ILE A 65 6.56 -11.16 -14.94
N VAL A 66 6.74 -10.38 -16.01
CA VAL A 66 7.03 -8.95 -15.98
C VAL A 66 5.79 -8.11 -15.67
N THR A 67 5.93 -7.06 -14.86
CA THR A 67 4.95 -5.98 -14.72
C THR A 67 5.47 -4.70 -15.38
N ASP A 68 4.57 -3.83 -15.85
CA ASP A 68 4.91 -2.62 -16.62
C ASP A 68 3.86 -1.50 -16.53
N GLY A 1 16.26 -8.40 15.47
CA GLY A 1 16.43 -7.42 16.55
C GLY A 1 15.50 -6.26 16.30
N SER A 2 14.22 -6.42 16.65
CA SER A 2 13.15 -5.85 15.81
C SER A 2 12.02 -5.17 16.59
N GLN A 3 11.36 -4.24 15.90
CA GLN A 3 10.12 -3.58 16.30
C GLN A 3 8.95 -4.57 16.42
N ARG A 4 7.93 -4.23 17.20
CA ARG A 4 6.68 -5.01 17.32
C ARG A 4 5.90 -5.08 16.01
N ARG A 5 4.98 -6.05 15.90
CA ARG A 5 4.13 -6.28 14.71
C ARG A 5 2.64 -6.40 15.04
N GLN A 6 1.82 -6.25 14.02
CA GLN A 6 0.39 -6.55 13.98
C GLN A 6 0.13 -7.47 12.78
N ARG A 7 -1.12 -7.89 12.57
CA ARG A 7 -1.64 -8.12 11.20
C ARG A 7 -2.99 -7.42 10.99
N THR A 8 -3.09 -6.77 9.84
CA THR A 8 -4.31 -6.27 9.18
C THR A 8 -4.99 -5.12 9.93
N HIS A 9 -4.22 -4.09 10.30
CA HIS A 9 -4.76 -2.91 10.99
C HIS A 9 -5.58 -1.96 10.09
N PHE A 10 -5.51 -2.10 8.77
CA PHE A 10 -6.29 -1.30 7.81
C PHE A 10 -7.64 -1.92 7.44
N THR A 11 -8.51 -1.12 6.80
CA THR A 11 -9.88 -1.50 6.40
C THR A 11 -10.09 -1.41 4.88
N SER A 12 -11.09 -2.13 4.36
CA SER A 12 -11.41 -2.09 2.93
C SER A 12 -11.85 -0.70 2.45
N GLN A 13 -12.59 0.07 3.27
CA GLN A 13 -13.03 1.43 2.97
C GLN A 13 -11.85 2.42 2.86
N GLN A 14 -10.77 2.22 3.63
CA GLN A 14 -9.52 2.96 3.44
C GLN A 14 -8.88 2.56 2.10
N LEU A 15 -8.73 1.26 1.88
CA LEU A 15 -8.07 0.68 0.71
C LEU A 15 -8.75 0.99 -0.63
N GLN A 16 -10.04 1.37 -0.63
CA GLN A 16 -10.76 1.81 -1.85
C GLN A 16 -10.10 3.02 -2.54
N GLU A 17 -9.38 3.90 -1.82
CA GLU A 17 -8.58 4.97 -2.44
C GLU A 17 -7.20 4.47 -2.90
N LEU A 18 -6.59 3.55 -2.14
CA LEU A 18 -5.25 3.02 -2.44
C LEU A 18 -5.27 2.14 -3.69
N GLU A 19 -6.28 1.28 -3.87
CA GLU A 19 -6.43 0.43 -5.05
C GLU A 19 -6.77 1.23 -6.32
N ALA A 20 -7.63 2.25 -6.20
CA ALA A 20 -7.91 3.17 -7.30
C ALA A 20 -6.64 3.94 -7.71
N THR A 21 -5.81 4.34 -6.75
CA THR A 21 -4.50 4.95 -7.02
C THR A 21 -3.54 3.96 -7.69
N PHE A 22 -3.51 2.69 -7.27
CA PHE A 22 -2.64 1.66 -7.84
C PHE A 22 -2.93 1.33 -9.31
N GLN A 23 -4.13 1.65 -9.83
CA GLN A 23 -4.44 1.56 -11.27
C GLN A 23 -3.85 2.68 -12.14
N ARG A 24 -3.29 3.75 -11.54
CA ARG A 24 -2.73 4.93 -12.25
C ARG A 24 -1.31 5.34 -11.82
N ASN A 25 -0.92 5.04 -10.57
CA ASN A 25 0.42 5.26 -10.03
C ASN A 25 0.76 4.17 -9.00
N ARG A 26 1.56 3.17 -9.42
CA ARG A 26 2.04 2.04 -8.61
C ARG A 26 3.23 2.39 -7.72
N TYR A 27 3.81 3.58 -7.90
CA TYR A 27 5.01 4.07 -7.21
C TYR A 27 4.81 5.52 -6.67
N PRO A 28 3.85 5.74 -5.75
CA PRO A 28 3.59 7.06 -5.19
C PRO A 28 4.72 7.58 -4.29
N ASP A 29 4.97 8.88 -4.39
CA ASP A 29 5.96 9.66 -3.65
C ASP A 29 5.39 10.19 -2.32
N MET A 30 6.25 10.64 -1.39
CA MET A 30 5.85 10.99 -0.01
C MET A 30 4.69 12.00 0.05
N SER A 31 4.69 12.97 -0.86
CA SER A 31 3.71 14.04 -1.01
C SER A 31 2.32 13.58 -1.46
N THR A 32 2.24 12.40 -2.08
CA THR A 32 0.99 11.74 -2.49
C THR A 32 0.57 10.68 -1.47
N ARG A 33 1.53 9.94 -0.90
CA ARG A 33 1.25 8.97 0.18
C ARG A 33 0.71 9.64 1.44
N GLU A 34 1.16 10.86 1.77
CA GLU A 34 0.61 11.62 2.91
C GLU A 34 -0.79 12.21 2.65
N GLU A 35 -1.15 12.55 1.40
CA GLU A 35 -2.52 12.98 1.06
C GLU A 35 -3.52 11.84 1.23
N ILE A 36 -3.18 10.66 0.69
CA ILE A 36 -4.00 9.45 0.81
C ILE A 36 -4.16 9.04 2.29
N ALA A 37 -3.14 9.25 3.12
CA ALA A 37 -3.22 9.05 4.56
C ALA A 37 -4.23 10.00 5.24
N VAL A 38 -4.30 11.27 4.83
CA VAL A 38 -5.29 12.26 5.34
C VAL A 38 -6.71 11.87 4.94
N TRP A 39 -6.93 11.45 3.68
CA TRP A 39 -8.25 11.05 3.19
C TRP A 39 -8.79 9.79 3.90
N THR A 40 -7.90 8.89 4.31
CA THR A 40 -8.26 7.57 4.88
C THR A 40 -8.27 7.51 6.41
N ASN A 41 -7.79 8.54 7.11
CA ASN A 41 -7.51 8.53 8.56
C ASN A 41 -6.38 7.54 8.96
N LEU A 42 -5.29 7.58 8.20
CA LEU A 42 -4.07 6.79 8.38
C LEU A 42 -2.83 7.70 8.47
N THR A 43 -1.64 7.07 8.47
CA THR A 43 -0.31 7.70 8.47
C THR A 43 0.53 7.18 7.28
N GLU A 44 1.41 8.03 6.73
CA GLU A 44 2.10 7.82 5.44
C GLU A 44 2.89 6.49 5.36
N ALA A 45 3.59 6.13 6.44
CA ALA A 45 4.44 4.94 6.50
C ALA A 45 3.63 3.64 6.32
N ARG A 46 2.35 3.62 6.75
CA ARG A 46 1.44 2.49 6.50
C ARG A 46 1.02 2.41 5.04
N VAL A 47 0.73 3.55 4.41
CA VAL A 47 0.41 3.64 2.97
C VAL A 47 1.60 3.14 2.14
N ARG A 48 2.83 3.56 2.49
CA ARG A 48 4.08 3.09 1.87
C ARG A 48 4.23 1.57 1.93
N VAL A 49 3.91 0.96 3.08
CA VAL A 49 4.00 -0.49 3.25
C VAL A 49 2.90 -1.25 2.49
N TRP A 50 1.66 -0.75 2.42
CA TRP A 50 0.64 -1.34 1.54
C TRP A 50 1.07 -1.30 0.07
N PHE A 51 1.65 -0.18 -0.39
CA PHE A 51 2.15 -0.05 -1.77
C PHE A 51 3.35 -0.96 -2.06
N LYS A 52 4.33 -1.09 -1.14
CA LYS A 52 5.43 -2.06 -1.34
C LYS A 52 4.95 -3.51 -1.27
N ASN A 53 3.98 -3.84 -0.39
CA ASN A 53 3.41 -5.19 -0.32
C ASN A 53 2.53 -5.52 -1.54
N ARG A 54 1.84 -4.53 -2.15
CA ARG A 54 1.11 -4.66 -3.43
C ARG A 54 2.01 -5.07 -4.60
N ARG A 55 3.28 -4.64 -4.58
CA ARG A 55 4.31 -5.05 -5.55
C ARG A 55 5.04 -6.33 -5.11
N ALA A 56 5.16 -6.55 -3.79
CA ALA A 56 5.65 -7.81 -3.24
C ALA A 56 4.78 -9.02 -3.60
N LYS A 57 3.48 -8.81 -3.90
CA LYS A 57 2.56 -9.89 -4.34
C LYS A 57 3.14 -10.70 -5.49
N TRP A 58 3.47 -10.08 -6.63
CA TRP A 58 3.86 -10.84 -7.83
C TRP A 58 5.18 -11.60 -7.62
N ARG A 59 6.16 -11.04 -6.89
CA ARG A 59 7.38 -11.77 -6.48
C ARG A 59 7.10 -12.90 -5.48
N LYS A 60 6.14 -12.74 -4.56
CA LYS A 60 5.60 -13.82 -3.70
C LYS A 60 4.65 -14.81 -4.41
N ARG A 61 4.43 -14.68 -5.73
CA ARG A 61 3.62 -15.59 -6.56
C ARG A 61 4.35 -16.22 -7.75
N GLU A 62 5.36 -15.54 -8.30
CA GLU A 62 6.02 -15.88 -9.57
C GLU A 62 7.57 -15.74 -9.53
N GLU A 63 8.14 -15.48 -8.34
CA GLU A 63 9.50 -14.97 -8.06
C GLU A 63 9.83 -13.58 -8.66
N PHE A 64 9.44 -13.27 -9.90
CA PHE A 64 9.67 -11.96 -10.52
C PHE A 64 8.65 -11.50 -11.59
N ILE A 65 7.81 -12.39 -12.14
CA ILE A 65 6.99 -12.08 -13.33
C ILE A 65 5.83 -11.13 -12.97
N VAL A 66 5.65 -10.04 -13.75
CA VAL A 66 4.79 -8.88 -13.40
C VAL A 66 3.35 -8.96 -13.94
N THR A 67 2.43 -8.30 -13.22
CA THR A 67 0.97 -8.23 -13.49
C THR A 67 0.54 -7.31 -14.64
N ASP A 68 1.48 -6.53 -15.18
CA ASP A 68 1.26 -5.49 -16.20
C ASP A 68 0.93 -6.03 -17.60
N GLY A 1 12.75 -6.79 27.76
CA GLY A 1 11.64 -7.14 26.87
C GLY A 1 12.04 -7.13 25.40
N SER A 2 11.06 -7.41 24.54
CA SER A 2 11.21 -7.59 23.09
C SER A 2 10.34 -6.63 22.26
N GLN A 3 10.72 -6.42 21.00
CA GLN A 3 10.03 -5.56 20.04
C GLN A 3 8.97 -6.34 19.24
N ARG A 4 7.79 -5.74 19.00
CA ARG A 4 6.64 -6.39 18.29
C ARG A 4 6.29 -5.72 16.96
N ARG A 5 5.53 -6.41 16.10
CA ARG A 5 5.03 -5.95 14.79
C ARG A 5 3.51 -5.87 14.76
N GLN A 6 2.95 -4.88 14.04
CA GLN A 6 1.52 -4.53 14.12
C GLN A 6 0.60 -5.50 13.34
N ARG A 7 0.84 -5.59 12.03
CA ARG A 7 0.04 -6.30 11.00
C ARG A 7 -1.41 -5.79 10.85
N THR A 8 -2.10 -6.36 9.85
CA THR A 8 -3.12 -5.74 8.98
C THR A 8 -4.12 -4.80 9.67
N HIS A 9 -4.34 -3.63 9.06
CA HIS A 9 -5.36 -2.64 9.47
C HIS A 9 -6.05 -1.98 8.25
N PHE A 10 -6.27 -2.75 7.18
CA PHE A 10 -6.72 -2.27 5.88
C PHE A 10 -8.19 -2.67 5.62
N THR A 11 -9.11 -1.76 5.98
CA THR A 11 -10.56 -1.95 5.79
C THR A 11 -11.01 -1.56 4.37
N SER A 12 -12.23 -1.95 4.00
CA SER A 12 -12.90 -1.48 2.77
C SER A 12 -13.07 0.04 2.70
N GLN A 13 -12.98 0.78 3.81
CA GLN A 13 -12.92 2.26 3.82
C GLN A 13 -11.52 2.77 3.44
N GLN A 14 -10.46 2.10 3.90
CA GLN A 14 -9.08 2.53 3.66
C GLN A 14 -8.63 2.22 2.23
N LEU A 15 -8.94 1.01 1.74
CA LEU A 15 -8.44 0.49 0.47
C LEU A 15 -8.86 1.31 -0.76
N GLN A 16 -10.05 1.91 -0.72
CA GLN A 16 -10.69 2.60 -1.86
C GLN A 16 -9.91 3.83 -2.39
N GLU A 17 -9.07 4.47 -1.57
CA GLU A 17 -8.18 5.54 -2.08
C GLU A 17 -6.85 4.97 -2.63
N LEU A 18 -6.36 3.86 -2.08
CA LEU A 18 -5.10 3.25 -2.53
C LEU A 18 -5.29 2.48 -3.85
N GLU A 19 -6.35 1.69 -3.97
CA GLU A 19 -6.62 0.94 -5.22
C GLU A 19 -6.95 1.88 -6.38
N ALA A 20 -7.79 2.91 -6.17
CA ALA A 20 -8.11 3.91 -7.18
C ALA A 20 -6.88 4.69 -7.65
N THR A 21 -5.93 4.94 -6.74
CA THR A 21 -4.62 5.51 -7.06
C THR A 21 -3.78 4.54 -7.90
N PHE A 22 -3.73 3.25 -7.55
CA PHE A 22 -3.03 2.21 -8.34
C PHE A 22 -3.62 2.02 -9.76
N GLN A 23 -4.85 2.46 -10.02
CA GLN A 23 -5.40 2.49 -11.39
C GLN A 23 -4.84 3.66 -12.23
N ARG A 24 -4.40 4.77 -11.61
CA ARG A 24 -3.99 6.02 -12.30
C ARG A 24 -2.51 6.39 -12.14
N ASN A 25 -1.81 5.86 -11.13
CA ASN A 25 -0.39 6.09 -10.87
C ASN A 25 0.21 4.92 -10.05
N ARG A 26 1.19 4.21 -10.61
CA ARG A 26 1.89 3.10 -9.94
C ARG A 26 2.82 3.55 -8.81
N TYR A 27 3.26 4.81 -8.83
CA TYR A 27 4.31 5.36 -7.95
C TYR A 27 3.94 6.76 -7.43
N PRO A 28 3.01 6.85 -6.45
CA PRO A 28 2.56 8.12 -5.88
C PRO A 28 3.68 8.87 -5.11
N ASP A 29 3.61 10.19 -5.10
CA ASP A 29 4.59 11.07 -4.44
C ASP A 29 4.39 11.16 -2.91
N MET A 30 5.33 11.72 -2.16
CA MET A 30 5.15 11.93 -0.72
C MET A 30 3.99 12.89 -0.40
N SER A 31 3.64 13.78 -1.33
CA SER A 31 2.45 14.64 -1.28
C SER A 31 1.14 13.87 -1.55
N THR A 32 1.15 12.97 -2.54
CA THR A 32 0.03 12.07 -2.84
C THR A 32 -0.23 11.11 -1.67
N ARG A 33 0.82 10.51 -1.12
CA ARG A 33 0.74 9.49 -0.05
C ARG A 33 0.33 10.09 1.30
N GLU A 34 0.76 11.31 1.64
CA GLU A 34 0.26 11.99 2.85
C GLU A 34 -1.21 12.43 2.71
N GLU A 35 -1.66 12.85 1.52
CA GLU A 35 -3.06 13.24 1.29
C GLU A 35 -4.00 12.04 1.31
N ILE A 36 -3.63 10.92 0.70
CA ILE A 36 -4.34 9.63 0.85
C ILE A 36 -4.45 9.24 2.33
N ALA A 37 -3.40 9.48 3.12
CA ALA A 37 -3.40 9.26 4.57
C ALA A 37 -4.21 10.31 5.37
N VAL A 38 -4.57 11.46 4.80
CA VAL A 38 -5.62 12.34 5.36
C VAL A 38 -7.00 11.77 5.06
N TRP A 39 -7.28 11.40 3.79
CA TRP A 39 -8.60 10.92 3.37
C TRP A 39 -9.02 9.60 4.05
N THR A 40 -8.05 8.78 4.46
CA THR A 40 -8.24 7.49 5.14
C THR A 40 -7.92 7.51 6.65
N ASN A 41 -7.29 8.57 7.15
CA ASN A 41 -6.66 8.60 8.48
C ASN A 41 -5.61 7.49 8.73
N LEU A 42 -4.94 6.99 7.68
CA LEU A 42 -3.69 6.22 7.80
C LEU A 42 -2.51 7.17 8.11
N THR A 43 -1.27 6.73 7.87
CA THR A 43 -0.08 7.60 7.82
C THR A 43 0.69 7.35 6.52
N GLU A 44 1.44 8.34 6.03
CA GLU A 44 2.15 8.29 4.74
C GLU A 44 3.03 7.05 4.57
N ALA A 45 3.78 6.66 5.61
CA ALA A 45 4.65 5.49 5.57
C ALA A 45 3.87 4.20 5.28
N ARG A 46 2.68 4.04 5.85
CA ARG A 46 1.83 2.85 5.61
C ARG A 46 1.33 2.75 4.16
N VAL A 47 1.28 3.86 3.42
CA VAL A 47 0.98 3.83 1.97
C VAL A 47 2.15 3.20 1.20
N ARG A 48 3.42 3.53 1.55
CA ARG A 48 4.60 2.86 0.97
C ARG A 48 4.63 1.36 1.31
N VAL A 49 4.33 1.01 2.57
CA VAL A 49 4.19 -0.39 3.02
C VAL A 49 3.12 -1.14 2.21
N TRP A 50 1.97 -0.52 1.95
CA TRP A 50 0.91 -1.13 1.13
C TRP A 50 1.35 -1.32 -0.32
N PHE A 51 1.94 -0.30 -0.96
CA PHE A 51 2.37 -0.35 -2.36
C PHE A 51 3.50 -1.37 -2.60
N LYS A 52 4.52 -1.43 -1.72
CA LYS A 52 5.62 -2.41 -1.88
C LYS A 52 5.15 -3.85 -1.65
N ASN A 53 4.29 -4.09 -0.67
CA ASN A 53 3.69 -5.42 -0.49
C ASN A 53 2.76 -5.80 -1.65
N ARG A 54 2.05 -4.84 -2.28
CA ARG A 54 1.19 -5.08 -3.45
C ARG A 54 1.94 -5.69 -4.65
N ARG A 55 3.18 -5.24 -4.91
CA ARG A 55 4.07 -5.89 -5.90
C ARG A 55 4.72 -7.16 -5.38
N ALA A 56 5.03 -7.25 -4.08
CA ALA A 56 5.58 -8.47 -3.49
C ALA A 56 4.62 -9.68 -3.58
N LYS A 57 3.29 -9.46 -3.63
CA LYS A 57 2.29 -10.54 -3.83
C LYS A 57 2.60 -11.46 -5.01
N TRP A 58 3.12 -10.91 -6.12
CA TRP A 58 3.57 -11.67 -7.30
C TRP A 58 4.68 -12.66 -6.91
N ARG A 59 5.78 -12.18 -6.34
CA ARG A 59 6.93 -13.02 -5.98
C ARG A 59 6.63 -13.96 -4.80
N LYS A 60 5.68 -13.61 -3.92
CA LYS A 60 5.18 -14.49 -2.83
C LYS A 60 4.20 -15.57 -3.31
N ARG A 61 3.68 -15.49 -4.54
CA ARG A 61 2.85 -16.53 -5.18
C ARG A 61 3.61 -17.38 -6.20
N GLU A 62 4.54 -16.79 -6.95
CA GLU A 62 5.19 -17.40 -8.13
C GLU A 62 6.73 -17.29 -8.20
N GLU A 63 7.36 -16.55 -7.29
CA GLU A 63 8.79 -16.16 -7.24
C GLU A 63 9.33 -15.37 -8.45
N PHE A 64 8.93 -15.72 -9.68
CA PHE A 64 9.32 -15.05 -10.92
C PHE A 64 8.24 -15.06 -12.02
N ILE A 65 7.37 -16.08 -12.12
CA ILE A 65 6.42 -16.21 -13.24
C ILE A 65 5.42 -15.03 -13.25
N VAL A 66 5.28 -14.34 -14.38
CA VAL A 66 4.51 -13.10 -14.52
C VAL A 66 3.53 -13.12 -15.71
N THR A 67 2.31 -12.62 -15.49
CA THR A 67 1.32 -12.28 -16.54
C THR A 67 0.53 -11.03 -16.13
N ASP A 68 0.69 -9.94 -16.89
CA ASP A 68 0.41 -8.54 -16.54
C ASP A 68 1.29 -7.96 -15.43
N GLY A 1 14.47 -0.68 13.99
CA GLY A 1 13.54 0.15 14.77
C GLY A 1 13.53 -0.23 16.23
N SER A 2 12.62 0.36 17.01
CA SER A 2 12.35 0.05 18.43
C SER A 2 10.89 -0.40 18.68
N GLN A 3 10.21 -0.86 17.63
CA GLN A 3 8.81 -1.31 17.60
C GLN A 3 8.69 -2.77 17.09
N ARG A 4 7.55 -3.43 17.32
CA ARG A 4 7.26 -4.79 16.78
C ARG A 4 6.28 -4.81 15.61
N ARG A 5 6.32 -5.90 14.82
CA ARG A 5 5.35 -6.19 13.75
C ARG A 5 3.93 -6.39 14.29
N GLN A 6 2.97 -6.22 13.40
CA GLN A 6 1.53 -6.33 13.61
C GLN A 6 0.92 -7.03 12.38
N ARG A 7 -0.41 -7.16 12.33
CA ARG A 7 -1.16 -7.71 11.18
C ARG A 7 -2.40 -6.86 10.87
N THR A 8 -3.23 -7.33 9.94
CA THR A 8 -4.24 -6.52 9.24
C THR A 8 -5.29 -5.88 10.14
N HIS A 9 -5.46 -4.56 9.99
CA HIS A 9 -6.62 -3.80 10.49
C HIS A 9 -7.28 -2.93 9.38
N PHE A 10 -6.87 -3.12 8.12
CA PHE A 10 -7.43 -2.41 6.96
C PHE A 10 -8.89 -2.81 6.67
N THR A 11 -9.66 -1.88 6.10
CA THR A 11 -11.05 -2.09 5.65
C THR A 11 -11.21 -1.83 4.14
N SER A 12 -12.28 -2.34 3.53
CA SER A 12 -12.52 -2.21 2.09
C SER A 12 -12.65 -0.74 1.65
N GLN A 13 -13.19 0.14 2.52
CA GLN A 13 -13.30 1.58 2.26
C GLN A 13 -11.93 2.30 2.27
N GLN A 14 -10.99 1.88 3.13
CA GLN A 14 -9.61 2.39 3.11
C GLN A 14 -8.88 1.90 1.85
N LEU A 15 -9.01 0.61 1.54
CA LEU A 15 -8.39 -0.02 0.36
C LEU A 15 -8.86 0.61 -0.95
N GLN A 16 -10.10 1.13 -1.03
CA GLN A 16 -10.64 1.76 -2.24
C GLN A 16 -9.85 3.00 -2.73
N GLU A 17 -9.33 3.87 -1.87
CA GLU A 17 -8.48 5.00 -2.32
C GLU A 17 -7.08 4.52 -2.71
N LEU A 18 -6.53 3.55 -1.97
CA LEU A 18 -5.21 2.97 -2.22
C LEU A 18 -5.17 2.24 -3.57
N GLU A 19 -6.21 1.46 -3.89
CA GLU A 19 -6.28 0.67 -5.12
C GLU A 19 -6.79 1.45 -6.34
N ALA A 20 -7.53 2.54 -6.14
CA ALA A 20 -7.78 3.55 -7.17
C ALA A 20 -6.51 4.36 -7.51
N THR A 21 -5.68 4.66 -6.50
CA THR A 21 -4.35 5.25 -6.73
C THR A 21 -3.46 4.26 -7.47
N PHE A 22 -3.33 3.01 -6.98
CA PHE A 22 -2.43 2.00 -7.54
C PHE A 22 -2.69 1.70 -9.03
N GLN A 23 -3.95 1.72 -9.48
CA GLN A 23 -4.27 1.45 -10.89
C GLN A 23 -3.71 2.51 -11.86
N ARG A 24 -3.47 3.75 -11.40
CA ARG A 24 -2.87 4.85 -12.18
C ARG A 24 -1.42 5.19 -11.80
N ASN A 25 -1.06 5.06 -10.52
CA ASN A 25 0.27 5.35 -9.97
C ASN A 25 0.67 4.30 -8.92
N ARG A 26 1.60 3.39 -9.28
CA ARG A 26 2.17 2.44 -8.31
C ARG A 26 3.17 3.07 -7.31
N TYR A 27 3.67 4.28 -7.58
CA TYR A 27 4.84 4.85 -6.90
C TYR A 27 4.62 6.33 -6.47
N PRO A 28 3.76 6.58 -5.46
CA PRO A 28 3.54 7.93 -4.93
C PRO A 28 4.77 8.48 -4.17
N ASP A 29 4.86 9.80 -4.09
CA ASP A 29 5.84 10.58 -3.30
C ASP A 29 5.33 10.86 -1.87
N MET A 30 6.22 11.18 -0.93
CA MET A 30 5.87 11.46 0.48
C MET A 30 4.73 12.47 0.66
N SER A 31 4.72 13.54 -0.14
CA SER A 31 3.72 14.61 -0.07
C SER A 31 2.35 14.16 -0.61
N THR A 32 2.29 13.05 -1.35
CA THR A 32 1.05 12.37 -1.77
C THR A 32 0.69 11.23 -0.82
N ARG A 33 1.67 10.50 -0.28
CA ARG A 33 1.44 9.41 0.69
C ARG A 33 0.83 9.93 2.00
N GLU A 34 1.23 11.10 2.49
CA GLU A 34 0.60 11.71 3.67
C GLU A 34 -0.84 12.21 3.42
N GLU A 35 -1.18 12.57 2.19
CA GLU A 35 -2.56 12.94 1.79
C GLU A 35 -3.45 11.70 1.74
N ILE A 36 -2.98 10.62 1.08
CA ILE A 36 -3.65 9.31 1.09
C ILE A 36 -3.82 8.78 2.51
N ALA A 37 -2.86 9.04 3.40
CA ALA A 37 -2.98 8.73 4.82
C ALA A 37 -4.11 9.51 5.51
N VAL A 38 -4.34 10.79 5.19
CA VAL A 38 -5.52 11.53 5.69
C VAL A 38 -6.81 10.94 5.13
N TRP A 39 -6.87 10.64 3.83
CA TRP A 39 -8.08 10.11 3.16
C TRP A 39 -8.50 8.73 3.68
N THR A 40 -7.56 7.92 4.16
CA THR A 40 -7.79 6.56 4.68
C THR A 40 -7.66 6.45 6.20
N ASN A 41 -7.36 7.57 6.87
CA ASN A 41 -7.00 7.65 8.29
C ASN A 41 -5.76 6.83 8.72
N LEU A 42 -4.88 6.47 7.78
CA LEU A 42 -3.55 5.89 7.99
C LEU A 42 -2.54 6.97 8.45
N THR A 43 -1.26 6.62 8.45
CA THR A 43 -0.09 7.52 8.53
C THR A 43 0.91 7.14 7.42
N GLU A 44 1.77 8.07 6.98
CA GLU A 44 2.58 7.96 5.75
C GLU A 44 3.41 6.67 5.66
N ALA A 45 4.03 6.23 6.76
CA ALA A 45 4.78 4.97 6.80
C ALA A 45 3.89 3.76 6.45
N ARG A 46 2.66 3.70 6.98
CA ARG A 46 1.70 2.61 6.70
C ARG A 46 1.32 2.59 5.22
N VAL A 47 1.15 3.76 4.60
CA VAL A 47 0.92 3.89 3.15
C VAL A 47 2.14 3.41 2.36
N ARG A 48 3.35 3.85 2.73
CA ARG A 48 4.62 3.45 2.07
C ARG A 48 4.81 1.92 2.09
N VAL A 49 4.50 1.27 3.21
CA VAL A 49 4.50 -0.18 3.39
C VAL A 49 3.40 -0.89 2.57
N TRP A 50 2.22 -0.30 2.46
CA TRP A 50 1.13 -0.85 1.64
C TRP A 50 1.52 -0.96 0.15
N PHE A 51 2.20 0.06 -0.40
CA PHE A 51 2.61 0.06 -1.81
C PHE A 51 3.70 -0.98 -2.11
N LYS A 52 4.77 -1.12 -1.28
CA LYS A 52 5.77 -2.19 -1.48
C LYS A 52 5.24 -3.61 -1.20
N ASN A 53 4.07 -3.76 -0.59
CA ASN A 53 3.37 -5.05 -0.52
C ASN A 53 2.45 -5.33 -1.71
N ARG A 54 1.93 -4.29 -2.40
CA ARG A 54 1.04 -4.51 -3.57
C ARG A 54 1.76 -5.14 -4.75
N ARG A 55 3.03 -4.78 -5.00
CA ARG A 55 3.92 -5.53 -5.90
C ARG A 55 4.22 -6.95 -5.40
N ALA A 56 4.40 -7.16 -4.09
CA ALA A 56 4.70 -8.46 -3.51
C ALA A 56 3.56 -9.49 -3.67
N LYS A 57 2.29 -9.07 -3.81
CA LYS A 57 1.15 -9.97 -4.14
C LYS A 57 1.34 -10.71 -5.49
N TRP A 58 1.97 -10.06 -6.48
CA TRP A 58 2.33 -10.66 -7.78
C TRP A 58 3.54 -11.61 -7.68
N ARG A 59 4.32 -11.53 -6.60
CA ARG A 59 5.48 -12.39 -6.31
C ARG A 59 5.05 -13.62 -5.51
N LYS A 60 4.47 -13.40 -4.32
CA LYS A 60 4.14 -14.43 -3.33
C LYS A 60 3.05 -15.41 -3.80
N ARG A 61 2.16 -15.00 -4.71
CA ARG A 61 1.13 -15.87 -5.33
C ARG A 61 1.50 -16.42 -6.71
N GLU A 62 2.23 -15.65 -7.52
CA GLU A 62 2.39 -15.92 -8.96
C GLU A 62 3.83 -16.12 -9.47
N GLU A 63 4.87 -15.78 -8.69
CA GLU A 63 6.27 -15.72 -9.18
C GLU A 63 6.40 -14.91 -10.50
N PHE A 64 5.71 -13.76 -10.55
CA PHE A 64 5.60 -12.84 -11.69
C PHE A 64 4.96 -13.39 -12.99
N ILE A 65 4.25 -14.53 -12.95
CA ILE A 65 3.43 -15.00 -14.07
C ILE A 65 2.19 -14.07 -14.28
N VAL A 66 1.72 -13.91 -15.52
CA VAL A 66 0.70 -12.90 -15.93
C VAL A 66 -0.69 -13.50 -16.21
N THR A 67 -1.00 -14.65 -15.63
CA THR A 67 -2.24 -15.43 -15.85
C THR A 67 -3.53 -14.76 -15.35
N ASP A 68 -3.48 -13.81 -14.40
CA ASP A 68 -4.62 -13.01 -13.91
C ASP A 68 -4.92 -11.74 -14.72
N GLY A 1 11.41 3.73 15.17
CA GLY A 1 10.67 2.46 15.29
C GLY A 1 10.89 1.83 16.64
N SER A 2 11.50 0.64 16.63
CA SER A 2 11.71 -0.24 17.79
C SER A 2 10.42 -0.70 18.51
N GLN A 3 9.31 -0.78 17.77
CA GLN A 3 8.10 -1.52 18.17
C GLN A 3 7.98 -2.79 17.31
N ARG A 4 7.51 -3.91 17.85
CA ARG A 4 7.56 -5.20 17.12
C ARG A 4 6.48 -5.33 16.05
N ARG A 5 6.69 -6.27 15.11
CA ARG A 5 5.85 -6.50 13.93
C ARG A 5 4.42 -6.89 14.30
N GLN A 6 3.51 -6.71 13.33
CA GLN A 6 2.06 -6.92 13.46
C GLN A 6 1.50 -7.42 12.12
N ARG A 7 0.20 -7.76 12.05
CA ARG A 7 -0.41 -8.29 10.81
C ARG A 7 -1.90 -7.92 10.68
N THR A 8 -2.19 -6.66 10.34
CA THR A 8 -3.58 -6.15 10.18
C THR A 8 -4.29 -6.68 8.91
N HIS A 9 -5.58 -6.38 8.81
CA HIS A 9 -6.42 -6.54 7.60
C HIS A 9 -7.09 -5.19 7.30
N PHE A 10 -6.83 -4.60 6.13
CA PHE A 10 -7.14 -3.20 5.85
C PHE A 10 -8.60 -2.98 5.42
N THR A 11 -9.23 -1.91 5.88
CA THR A 11 -10.68 -1.66 5.66
C THR A 11 -10.98 -1.13 4.24
N SER A 12 -12.18 -1.42 3.72
CA SER A 12 -12.59 -0.97 2.39
C SER A 12 -12.65 0.56 2.27
N GLN A 13 -12.93 1.26 3.37
CA GLN A 13 -12.86 2.71 3.47
C GLN A 13 -11.44 3.27 3.24
N GLN A 14 -10.39 2.46 3.45
CA GLN A 14 -9.03 2.76 3.02
C GLN A 14 -8.76 2.28 1.59
N LEU A 15 -9.19 1.06 1.24
CA LEU A 15 -8.95 0.45 -0.08
C LEU A 15 -9.52 1.28 -1.24
N GLN A 16 -10.65 1.98 -1.05
CA GLN A 16 -11.24 2.87 -2.05
C GLN A 16 -10.37 4.10 -2.41
N GLU A 17 -9.29 4.38 -1.67
CA GLU A 17 -8.19 5.23 -2.15
C GLU A 17 -6.89 4.45 -2.43
N LEU A 18 -6.56 3.44 -1.64
CA LEU A 18 -5.31 2.67 -1.81
C LEU A 18 -5.28 1.87 -3.13
N GLU A 19 -6.30 1.06 -3.42
CA GLU A 19 -6.37 0.31 -4.69
C GLU A 19 -6.68 1.24 -5.87
N ALA A 20 -7.53 2.25 -5.67
CA ALA A 20 -7.85 3.25 -6.67
C ALA A 20 -6.63 4.09 -7.11
N THR A 21 -5.64 4.24 -6.23
CA THR A 21 -4.32 4.81 -6.55
C THR A 21 -3.41 3.76 -7.18
N PHE A 22 -3.35 2.53 -6.63
CA PHE A 22 -2.52 1.45 -7.18
C PHE A 22 -2.88 1.10 -8.63
N GLN A 23 -4.14 1.23 -9.03
CA GLN A 23 -4.60 1.06 -10.41
C GLN A 23 -4.00 2.09 -11.40
N ARG A 24 -3.59 3.28 -10.93
CA ARG A 24 -2.99 4.36 -11.75
C ARG A 24 -1.49 4.60 -11.52
N ASN A 25 -0.94 4.21 -10.37
CA ASN A 25 0.47 4.43 -10.02
C ASN A 25 0.93 3.40 -8.99
N ARG A 26 2.00 2.62 -9.26
CA ARG A 26 2.51 1.59 -8.32
C ARG A 26 3.65 2.09 -7.41
N TYR A 27 4.15 3.31 -7.64
CA TYR A 27 5.36 3.87 -6.97
C TYR A 27 5.19 5.36 -6.53
N PRO A 28 4.07 5.75 -5.88
CA PRO A 28 3.76 7.15 -5.57
C PRO A 28 4.80 7.84 -4.66
N ASP A 29 4.95 9.16 -4.82
CA ASP A 29 5.87 9.99 -4.03
C ASP A 29 5.39 10.23 -2.58
N MET A 30 6.33 10.54 -1.67
CA MET A 30 6.02 10.90 -0.27
C MET A 30 4.91 11.94 -0.12
N SER A 31 4.83 12.92 -1.03
CA SER A 31 3.72 13.89 -1.09
C SER A 31 2.35 13.25 -1.32
N THR A 32 2.23 12.46 -2.39
CA THR A 32 1.04 11.67 -2.72
C THR A 32 0.66 10.71 -1.58
N ARG A 33 1.65 10.05 -0.96
CA ARG A 33 1.42 9.09 0.13
C ARG A 33 0.93 9.76 1.42
N GLU A 34 1.45 10.93 1.79
CA GLU A 34 0.97 11.62 3.00
C GLU A 34 -0.40 12.31 2.79
N GLU A 35 -0.74 12.71 1.57
CA GLU A 35 -2.10 13.18 1.23
C GLU A 35 -3.12 12.03 1.27
N ILE A 36 -2.79 10.85 0.71
CA ILE A 36 -3.62 9.64 0.85
C ILE A 36 -3.76 9.23 2.33
N ALA A 37 -2.73 9.46 3.14
CA ALA A 37 -2.80 9.25 4.59
C ALA A 37 -3.77 10.22 5.29
N VAL A 38 -4.04 11.43 4.76
CA VAL A 38 -5.12 12.31 5.26
C VAL A 38 -6.50 11.76 4.88
N TRP A 39 -6.69 11.31 3.63
CA TRP A 39 -7.99 10.79 3.14
C TRP A 39 -8.40 9.46 3.81
N THR A 40 -7.46 8.76 4.44
CA THR A 40 -7.66 7.48 5.13
C THR A 40 -7.45 7.55 6.65
N ASN A 41 -6.98 8.70 7.16
CA ASN A 41 -6.48 8.89 8.53
C ASN A 41 -5.33 7.94 8.95
N LEU A 42 -4.49 7.53 8.00
CA LEU A 42 -3.22 6.84 8.23
C LEU A 42 -2.08 7.84 8.53
N THR A 43 -0.88 7.31 8.73
CA THR A 43 0.39 8.01 8.56
C THR A 43 1.11 7.54 7.29
N GLU A 44 1.97 8.37 6.71
CA GLU A 44 2.61 8.13 5.41
C GLU A 44 3.31 6.76 5.28
N ALA A 45 4.09 6.34 6.28
CA ALA A 45 4.73 5.03 6.30
C ALA A 45 3.73 3.86 6.23
N ARG A 46 2.50 4.00 6.75
CA ARG A 46 1.47 2.96 6.71
C ARG A 46 0.93 2.75 5.29
N VAL A 47 0.74 3.85 4.55
CA VAL A 47 0.44 3.82 3.11
C VAL A 47 1.61 3.19 2.35
N ARG A 48 2.85 3.59 2.66
CA ARG A 48 4.07 3.06 2.02
C ARG A 48 4.25 1.56 2.23
N VAL A 49 4.01 1.05 3.44
CA VAL A 49 4.02 -0.38 3.78
C VAL A 49 2.95 -1.13 2.97
N TRP A 50 1.70 -0.64 2.96
CA TRP A 50 0.64 -1.27 2.16
C TRP A 50 1.00 -1.39 0.68
N PHE A 51 1.62 -0.35 0.10
CA PHE A 51 2.06 -0.33 -1.30
C PHE A 51 3.18 -1.33 -1.60
N LYS A 52 4.23 -1.42 -0.78
CA LYS A 52 5.31 -2.42 -1.01
C LYS A 52 4.83 -3.84 -0.77
N ASN A 53 3.94 -4.09 0.19
CA ASN A 53 3.31 -5.41 0.34
C ASN A 53 2.40 -5.72 -0.88
N ARG A 54 1.78 -4.73 -1.52
CA ARG A 54 1.07 -4.90 -2.81
C ARG A 54 2.01 -5.32 -3.94
N ARG A 55 3.18 -4.66 -4.06
CA ARG A 55 4.22 -5.05 -5.04
C ARG A 55 4.79 -6.44 -4.74
N ALA A 56 4.95 -6.82 -3.47
CA ALA A 56 5.33 -8.17 -3.08
C ALA A 56 4.26 -9.21 -3.49
N LYS A 57 2.96 -8.96 -3.23
CA LYS A 57 1.86 -9.82 -3.71
C LYS A 57 1.84 -9.94 -5.24
N TRP A 58 2.04 -8.84 -5.96
CA TRP A 58 2.20 -8.85 -7.43
C TRP A 58 3.36 -9.75 -7.87
N ARG A 59 4.58 -9.58 -7.33
CA ARG A 59 5.74 -10.42 -7.68
C ARG A 59 5.57 -11.90 -7.26
N LYS A 60 4.89 -12.18 -6.14
CA LYS A 60 4.73 -13.52 -5.56
C LYS A 60 3.50 -14.30 -6.05
N ARG A 61 2.51 -13.64 -6.67
CA ARG A 61 1.37 -14.29 -7.35
C ARG A 61 1.46 -14.22 -8.87
N GLU A 62 1.77 -13.03 -9.41
CA GLU A 62 1.64 -12.70 -10.84
C GLU A 62 3.00 -12.65 -11.56
N GLU A 63 4.07 -12.34 -10.83
CA GLU A 63 5.50 -12.36 -11.23
C GLU A 63 5.91 -11.34 -12.32
N PHE A 64 4.99 -10.98 -13.22
CA PHE A 64 5.20 -10.01 -14.30
C PHE A 64 3.94 -9.20 -14.68
N ILE A 65 2.75 -9.83 -14.74
CA ILE A 65 1.55 -9.33 -15.43
C ILE A 65 1.76 -9.12 -16.94
N VAL A 66 0.71 -9.37 -17.74
CA VAL A 66 0.71 -9.21 -19.20
C VAL A 66 1.17 -7.82 -19.67
N THR A 67 1.86 -7.73 -20.80
CA THR A 67 2.41 -6.47 -21.33
C THR A 67 1.32 -5.57 -21.93
N ASP A 68 1.52 -4.26 -21.80
CA ASP A 68 0.53 -3.19 -22.04
C ASP A 68 1.15 -1.91 -22.60
N GLY A 1 17.05 -5.98 22.20
CA GLY A 1 15.73 -5.57 21.72
C GLY A 1 14.86 -6.78 21.41
N SER A 2 13.57 -6.69 21.78
CA SER A 2 12.53 -7.70 21.56
C SER A 2 11.68 -7.33 20.33
N GLN A 3 12.01 -7.92 19.18
CA GLN A 3 11.40 -7.55 17.89
C GLN A 3 9.95 -8.07 17.80
N ARG A 4 8.98 -7.19 17.54
CA ARG A 4 7.55 -7.54 17.42
C ARG A 4 6.89 -6.93 16.18
N ARG A 5 5.66 -7.37 15.84
CA ARG A 5 4.83 -6.82 14.75
C ARG A 5 3.38 -6.61 15.16
N GLN A 6 2.77 -5.52 14.66
CA GLN A 6 1.37 -5.15 14.94
C GLN A 6 0.36 -5.94 14.06
N ARG A 7 0.72 -6.17 12.79
CA ARG A 7 0.00 -6.94 11.76
C ARG A 7 -1.51 -6.63 11.65
N THR A 8 -1.82 -5.37 11.29
CA THR A 8 -3.18 -4.78 11.24
C THR A 8 -4.09 -5.34 10.13
N HIS A 9 -5.39 -4.98 10.18
CA HIS A 9 -6.36 -5.11 9.09
C HIS A 9 -6.60 -3.77 8.36
N PHE A 10 -6.66 -3.77 7.04
CA PHE A 10 -7.06 -2.58 6.28
C PHE A 10 -8.58 -2.57 6.02
N THR A 11 -9.27 -1.48 6.39
CA THR A 11 -10.73 -1.35 6.23
C THR A 11 -11.15 -1.12 4.78
N SER A 12 -12.41 -1.39 4.42
CA SER A 12 -12.92 -1.04 3.08
C SER A 12 -12.73 0.45 2.75
N GLN A 13 -12.98 1.35 3.71
CA GLN A 13 -12.83 2.79 3.50
C GLN A 13 -11.36 3.23 3.31
N GLN A 14 -10.40 2.54 3.94
CA GLN A 14 -8.98 2.72 3.69
C GLN A 14 -8.59 2.21 2.28
N LEU A 15 -9.05 1.01 1.90
CA LEU A 15 -8.66 0.37 0.64
C LEU A 15 -9.16 1.11 -0.62
N GLN A 16 -10.36 1.69 -0.60
CA GLN A 16 -10.96 2.26 -1.82
C GLN A 16 -10.11 3.35 -2.50
N GLU A 17 -9.51 4.27 -1.74
CA GLU A 17 -8.64 5.31 -2.31
C GLU A 17 -7.23 4.80 -2.67
N LEU A 18 -6.79 3.69 -2.05
CA LEU A 18 -5.51 3.03 -2.32
C LEU A 18 -5.56 2.24 -3.65
N GLU A 19 -6.55 1.37 -3.84
CA GLU A 19 -6.67 0.59 -5.09
C GLU A 19 -6.97 1.49 -6.30
N ALA A 20 -7.80 2.53 -6.13
CA ALA A 20 -8.07 3.52 -7.17
C ALA A 20 -6.81 4.28 -7.61
N THR A 21 -5.86 4.51 -6.71
CA THR A 21 -4.54 5.06 -7.04
C THR A 21 -3.68 4.04 -7.76
N PHE A 22 -3.62 2.80 -7.27
CA PHE A 22 -2.80 1.71 -7.87
C PHE A 22 -3.19 1.39 -9.34
N GLN A 23 -4.45 1.66 -9.71
CA GLN A 23 -4.97 1.56 -11.08
C GLN A 23 -4.45 2.65 -12.05
N ARG A 24 -3.80 3.72 -11.56
CA ARG A 24 -3.23 4.83 -12.37
C ARG A 24 -1.76 5.19 -12.06
N ASN A 25 -1.27 4.87 -10.86
CA ASN A 25 0.06 5.20 -10.35
C ASN A 25 0.47 4.20 -9.25
N ARG A 26 1.42 3.29 -9.50
CA ARG A 26 1.92 2.33 -8.49
C ARG A 26 3.08 2.89 -7.63
N TYR A 27 3.48 4.16 -7.81
CA TYR A 27 4.67 4.76 -7.19
C TYR A 27 4.44 6.22 -6.69
N PRO A 28 3.33 6.52 -5.98
CA PRO A 28 2.99 7.89 -5.61
C PRO A 28 4.06 8.54 -4.73
N ASP A 29 4.52 9.75 -5.10
CA ASP A 29 5.49 10.57 -4.34
C ASP A 29 4.93 11.02 -2.98
N MET A 30 5.80 11.31 -2.00
CA MET A 30 5.41 11.66 -0.62
C MET A 30 4.23 12.64 -0.49
N SER A 31 4.15 13.69 -1.33
CA SER A 31 3.10 14.70 -1.22
C SER A 31 1.74 14.25 -1.77
N THR A 32 1.73 13.43 -2.83
CA THR A 32 0.54 12.69 -3.28
C THR A 32 0.16 11.57 -2.30
N ARG A 33 1.15 10.87 -1.74
CA ARG A 33 1.01 9.77 -0.79
C ARG A 33 0.41 10.21 0.55
N GLU A 34 0.77 11.41 1.04
CA GLU A 34 0.22 11.96 2.28
C GLU A 34 -1.21 12.54 2.11
N GLU A 35 -1.63 12.95 0.91
CA GLU A 35 -3.05 13.29 0.65
C GLU A 35 -3.93 12.05 0.73
N ILE A 36 -3.48 10.93 0.14
CA ILE A 36 -4.16 9.63 0.29
C ILE A 36 -4.23 9.23 1.77
N ALA A 37 -3.20 9.57 2.56
CA ALA A 37 -3.21 9.40 4.02
C ALA A 37 -4.23 10.33 4.73
N VAL A 38 -4.53 11.53 4.22
CA VAL A 38 -5.65 12.35 4.73
C VAL A 38 -7.00 11.69 4.41
N TRP A 39 -7.23 11.24 3.18
CA TRP A 39 -8.51 10.63 2.77
C TRP A 39 -8.82 9.33 3.55
N THR A 40 -7.78 8.57 3.89
CA THR A 40 -7.87 7.26 4.59
C THR A 40 -7.60 7.34 6.10
N ASN A 41 -7.23 8.51 6.63
CA ASN A 41 -6.82 8.76 8.02
C ASN A 41 -5.62 7.87 8.48
N LEU A 42 -4.60 7.79 7.62
CA LEU A 42 -3.30 7.12 7.82
C LEU A 42 -2.18 8.18 7.96
N THR A 43 -0.93 7.76 7.79
CA THR A 43 0.27 8.59 7.55
C THR A 43 1.01 8.15 6.28
N GLU A 44 1.81 9.03 5.69
CA GLU A 44 2.56 8.82 4.43
C GLU A 44 3.34 7.49 4.40
N ALA A 45 4.12 7.19 5.44
CA ALA A 45 4.87 5.94 5.55
C ALA A 45 3.96 4.71 5.62
N ARG A 46 2.81 4.80 6.32
CA ARG A 46 1.84 3.70 6.43
C ARG A 46 1.16 3.39 5.09
N VAL A 47 0.89 4.41 4.28
CA VAL A 47 0.48 4.23 2.88
C VAL A 47 1.61 3.60 2.06
N ARG A 48 2.87 3.98 2.28
CA ARG A 48 4.05 3.41 1.60
C ARG A 48 4.19 1.90 1.86
N VAL A 49 4.01 1.44 3.10
CA VAL A 49 4.03 0.02 3.49
C VAL A 49 3.00 -0.79 2.71
N TRP A 50 1.76 -0.29 2.60
CA TRP A 50 0.72 -0.93 1.78
C TRP A 50 1.14 -1.00 0.31
N PHE A 51 1.67 0.09 -0.26
CA PHE A 51 2.09 0.14 -1.68
C PHE A 51 3.23 -0.84 -2.01
N LYS A 52 4.27 -0.93 -1.16
CA LYS A 52 5.37 -1.89 -1.41
C LYS A 52 4.91 -3.34 -1.28
N ASN A 53 4.08 -3.67 -0.29
CA ASN A 53 3.48 -5.00 -0.19
C ASN A 53 2.57 -5.32 -1.39
N ARG A 54 1.80 -4.36 -1.91
CA ARG A 54 0.93 -4.53 -3.09
C ARG A 54 1.70 -4.89 -4.37
N ARG A 55 2.92 -4.38 -4.53
CA ARG A 55 3.86 -4.78 -5.60
C ARG A 55 4.53 -6.12 -5.29
N ALA A 56 4.95 -6.34 -4.04
CA ALA A 56 5.57 -7.58 -3.58
C ALA A 56 4.66 -8.82 -3.73
N LYS A 57 3.34 -8.67 -3.85
CA LYS A 57 2.41 -9.78 -4.16
C LYS A 57 2.80 -10.57 -5.42
N TRP A 58 3.49 -9.94 -6.38
CA TRP A 58 4.09 -10.66 -7.52
C TRP A 58 5.11 -11.72 -7.03
N ARG A 59 6.06 -11.33 -6.17
CA ARG A 59 7.03 -12.26 -5.54
C ARG A 59 6.30 -13.33 -4.73
N LYS A 60 5.31 -12.94 -3.91
CA LYS A 60 4.53 -13.84 -3.03
C LYS A 60 3.68 -14.90 -3.77
N ARG A 61 3.47 -14.79 -5.09
CA ARG A 61 2.76 -15.77 -5.94
C ARG A 61 3.62 -16.43 -7.01
N GLU A 62 4.66 -15.75 -7.53
CA GLU A 62 5.37 -16.16 -8.74
C GLU A 62 6.90 -16.14 -8.65
N GLU A 63 7.50 -15.32 -7.79
CA GLU A 63 8.95 -15.19 -7.48
C GLU A 63 9.93 -14.90 -8.65
N PHE A 64 9.56 -15.18 -9.91
CA PHE A 64 10.42 -15.07 -11.11
C PHE A 64 9.63 -14.87 -12.42
N ILE A 65 8.48 -15.52 -12.58
CA ILE A 65 7.66 -15.45 -13.81
C ILE A 65 7.04 -14.06 -13.96
N VAL A 66 7.28 -13.38 -15.09
CA VAL A 66 7.09 -11.93 -15.25
C VAL A 66 6.10 -11.56 -16.36
N THR A 67 5.29 -10.53 -16.10
CA THR A 67 4.13 -10.10 -16.92
C THR A 67 4.00 -8.57 -17.04
N ASP A 68 4.96 -7.80 -16.52
CA ASP A 68 4.92 -6.32 -16.38
C ASP A 68 5.96 -5.59 -17.22
N GLY A 1 17.08 -2.56 14.61
CA GLY A 1 17.24 -3.88 15.21
C GLY A 1 16.22 -4.12 16.30
N SER A 2 15.77 -5.38 16.49
CA SER A 2 14.86 -5.83 17.57
C SER A 2 13.64 -4.92 17.82
N GLN A 3 12.78 -4.77 16.80
CA GLN A 3 11.51 -4.03 16.87
C GLN A 3 10.35 -5.01 16.57
N ARG A 4 9.39 -5.19 17.49
CA ARG A 4 8.27 -6.16 17.31
C ARG A 4 7.36 -5.77 16.13
N ARG A 5 6.73 -6.76 15.50
CA ARG A 5 5.80 -6.60 14.37
C ARG A 5 4.34 -6.79 14.79
N GLN A 6 3.39 -6.55 13.88
CA GLN A 6 1.94 -6.67 14.10
C GLN A 6 1.23 -7.11 12.81
N ARG A 7 -0.09 -7.35 12.86
CA ARG A 7 -0.95 -7.40 11.67
C ARG A 7 -2.18 -6.50 11.86
N THR A 8 -2.23 -5.37 11.15
CA THR A 8 -3.39 -4.47 11.12
C THR A 8 -4.48 -4.92 10.15
N HIS A 9 -5.69 -4.37 10.29
CA HIS A 9 -6.77 -4.41 9.30
C HIS A 9 -6.88 -3.09 8.52
N PHE A 10 -7.26 -3.16 7.25
CA PHE A 10 -7.65 -2.01 6.40
C PHE A 10 -9.06 -2.25 5.83
N THR A 11 -9.95 -1.27 5.91
CA THR A 11 -11.34 -1.41 5.42
C THR A 11 -11.46 -1.12 3.93
N SER A 12 -12.45 -1.72 3.25
CA SER A 12 -12.70 -1.54 1.81
C SER A 12 -12.82 -0.06 1.41
N GLN A 13 -13.43 0.77 2.28
CA GLN A 13 -13.54 2.22 2.09
C GLN A 13 -12.18 2.94 2.03
N GLN A 14 -11.16 2.44 2.74
CA GLN A 14 -9.78 2.94 2.67
C GLN A 14 -9.07 2.40 1.42
N LEU A 15 -9.18 1.08 1.17
CA LEU A 15 -8.52 0.39 0.06
C LEU A 15 -8.86 1.01 -1.31
N GLN A 16 -10.11 1.47 -1.48
CA GLN A 16 -10.62 2.11 -2.70
C GLN A 16 -9.92 3.44 -3.10
N GLU A 17 -9.07 4.06 -2.28
CA GLU A 17 -8.16 5.14 -2.72
C GLU A 17 -6.74 4.64 -2.99
N LEU A 18 -6.27 3.62 -2.27
CA LEU A 18 -4.91 3.08 -2.45
C LEU A 18 -4.82 2.24 -3.73
N GLU A 19 -5.77 1.35 -3.99
CA GLU A 19 -5.80 0.51 -5.19
C GLU A 19 -6.11 1.32 -6.47
N ALA A 20 -7.00 2.31 -6.36
CA ALA A 20 -7.33 3.26 -7.42
C ALA A 20 -6.17 4.24 -7.73
N THR A 21 -5.16 4.30 -6.87
CA THR A 21 -3.86 4.94 -7.15
C THR A 21 -2.89 3.91 -7.76
N PHE A 22 -2.68 2.77 -7.10
CA PHE A 22 -1.67 1.76 -7.48
C PHE A 22 -1.87 1.18 -8.89
N GLN A 23 -3.11 1.15 -9.40
CA GLN A 23 -3.42 0.67 -10.76
C GLN A 23 -3.11 1.67 -11.89
N ARG A 24 -2.77 2.92 -11.56
CA ARG A 24 -2.33 3.97 -12.52
C ARG A 24 -0.96 4.59 -12.19
N ASN A 25 -0.50 4.48 -10.95
CA ASN A 25 0.83 4.90 -10.50
C ASN A 25 1.34 4.01 -9.35
N ARG A 26 2.42 3.26 -9.60
CA ARG A 26 3.19 2.50 -8.60
C ARG A 26 4.01 3.39 -7.65
N TYR A 27 4.29 4.64 -8.04
CA TYR A 27 5.26 5.52 -7.38
C TYR A 27 4.62 6.82 -6.82
N PRO A 28 3.57 6.77 -5.98
CA PRO A 28 2.99 7.97 -5.35
C PRO A 28 3.96 8.56 -4.32
N ASP A 29 4.29 9.84 -4.47
CA ASP A 29 5.29 10.53 -3.62
C ASP A 29 4.81 10.77 -2.18
N MET A 30 5.72 11.21 -1.30
CA MET A 30 5.41 11.58 0.09
C MET A 30 4.19 12.53 0.24
N SER A 31 3.94 13.42 -0.73
CA SER A 31 2.80 14.34 -0.71
C SER A 31 1.51 13.67 -1.17
N THR A 32 1.56 12.85 -2.21
CA THR A 32 0.45 11.99 -2.66
C THR A 32 0.03 11.04 -1.53
N ARG A 33 1.00 10.45 -0.82
CA ARG A 33 0.77 9.57 0.33
C ARG A 33 0.20 10.31 1.55
N GLU A 34 0.64 11.53 1.85
CA GLU A 34 0.03 12.29 2.96
C GLU A 34 -1.38 12.80 2.63
N GLU A 35 -1.71 13.06 1.35
CA GLU A 35 -3.09 13.32 0.90
C GLU A 35 -3.97 12.07 1.08
N ILE A 36 -3.51 10.88 0.63
CA ILE A 36 -4.19 9.59 0.91
C ILE A 36 -4.40 9.41 2.41
N ALA A 37 -3.41 9.76 3.24
CA ALA A 37 -3.48 9.68 4.69
C ALA A 37 -4.54 10.60 5.32
N VAL A 38 -4.94 11.70 4.66
CA VAL A 38 -6.11 12.49 5.07
C VAL A 38 -7.40 11.78 4.68
N TRP A 39 -7.54 11.36 3.40
CA TRP A 39 -8.78 10.77 2.89
C TRP A 39 -9.14 9.41 3.52
N THR A 40 -8.15 8.68 4.06
CA THR A 40 -8.31 7.31 4.59
C THR A 40 -7.98 7.16 6.07
N ASN A 41 -7.62 8.24 6.77
CA ASN A 41 -7.09 8.26 8.14
C ASN A 41 -5.89 7.31 8.39
N LEU A 42 -4.94 7.29 7.45
CA LEU A 42 -3.63 6.65 7.63
C LEU A 42 -2.60 7.70 8.10
N THR A 43 -1.33 7.31 8.16
CA THR A 43 -0.19 8.23 8.02
C THR A 43 0.54 7.91 6.72
N GLU A 44 1.41 8.80 6.23
CA GLU A 44 2.28 8.54 5.07
C GLU A 44 3.06 7.23 5.23
N ALA A 45 3.60 6.97 6.43
CA ALA A 45 4.33 5.74 6.74
C ALA A 45 3.43 4.49 6.68
N ARG A 46 2.15 4.57 7.07
CA ARG A 46 1.19 3.45 6.92
C ARG A 46 0.89 3.15 5.45
N VAL A 47 0.73 4.18 4.62
CA VAL A 47 0.59 4.02 3.15
C VAL A 47 1.85 3.35 2.57
N ARG A 48 3.04 3.78 3.03
CA ARG A 48 4.35 3.22 2.63
C ARG A 48 4.51 1.72 2.95
N VAL A 49 3.76 1.17 3.92
CA VAL A 49 3.71 -0.27 4.23
C VAL A 49 2.71 -1.01 3.34
N TRP A 50 1.50 -0.49 3.15
CA TRP A 50 0.48 -1.19 2.36
C TRP A 50 0.91 -1.41 0.90
N PHE A 51 1.56 -0.41 0.30
CA PHE A 51 2.03 -0.47 -1.10
C PHE A 51 3.13 -1.52 -1.32
N LYS A 52 4.18 -1.57 -0.48
CA LYS A 52 5.24 -2.60 -0.63
C LYS A 52 4.73 -4.02 -0.34
N ASN A 53 3.69 -4.19 0.47
CA ASN A 53 3.00 -5.48 0.59
C ASN A 53 2.09 -5.79 -0.62
N ARG A 54 1.55 -4.80 -1.35
CA ARG A 54 0.86 -5.01 -2.64
C ARG A 54 1.81 -5.42 -3.77
N ARG A 55 3.04 -4.89 -3.76
CA ARG A 55 4.17 -5.43 -4.53
C ARG A 55 4.43 -6.91 -4.16
N ALA A 56 4.54 -7.23 -2.87
CA ALA A 56 4.76 -8.61 -2.43
C ALA A 56 3.66 -9.59 -2.88
N LYS A 57 2.38 -9.18 -2.91
CA LYS A 57 1.29 -9.99 -3.51
C LYS A 57 1.56 -10.32 -4.98
N TRP A 58 1.92 -9.32 -5.79
CA TRP A 58 2.24 -9.52 -7.23
C TRP A 58 3.45 -10.46 -7.41
N ARG A 59 4.52 -10.24 -6.63
CA ARG A 59 5.72 -11.08 -6.59
C ARG A 59 5.39 -12.55 -6.25
N LYS A 60 4.52 -12.79 -5.26
CA LYS A 60 4.16 -14.15 -4.80
C LYS A 60 3.11 -14.84 -5.69
N ARG A 61 2.19 -14.10 -6.30
CA ARG A 61 1.10 -14.65 -7.13
C ARG A 61 1.47 -14.84 -8.60
N GLU A 62 2.30 -14.00 -9.19
CA GLU A 62 2.61 -14.04 -10.64
C GLU A 62 4.10 -13.82 -10.98
N GLU A 63 4.95 -13.53 -9.99
CA GLU A 63 6.34 -13.01 -10.06
C GLU A 63 6.47 -11.67 -10.81
N PHE A 64 6.04 -11.60 -12.07
CA PHE A 64 5.97 -10.36 -12.86
C PHE A 64 4.74 -10.29 -13.80
N ILE A 65 4.05 -11.40 -14.03
CA ILE A 65 3.18 -11.58 -15.21
C ILE A 65 1.82 -10.87 -15.05
N VAL A 66 1.44 -10.09 -16.06
CA VAL A 66 0.17 -9.34 -16.15
C VAL A 66 -0.97 -10.28 -16.53
N THR A 67 -2.05 -10.27 -15.73
CA THR A 67 -3.25 -11.12 -15.90
C THR A 67 -4.50 -10.28 -16.20
N ASP A 68 -4.61 -9.07 -15.63
CA ASP A 68 -5.84 -8.26 -15.55
C ASP A 68 -5.83 -7.02 -16.44
N GLY A 1 6.46 1.96 24.44
CA GLY A 1 6.14 1.41 23.10
C GLY A 1 5.70 -0.02 23.20
N SER A 2 5.88 -0.81 22.14
CA SER A 2 5.40 -2.20 22.05
C SER A 2 6.52 -3.26 22.15
N GLN A 3 6.24 -4.39 22.81
CA GLN A 3 7.19 -5.52 22.97
C GLN A 3 7.35 -6.41 21.72
N ARG A 4 6.67 -6.05 20.63
CA ARG A 4 6.79 -6.59 19.26
C ARG A 4 6.24 -5.59 18.24
N ARG A 5 6.42 -5.88 16.94
CA ARG A 5 5.77 -5.16 15.84
C ARG A 5 4.29 -5.53 15.64
N GLN A 6 3.64 -4.72 14.82
CA GLN A 6 2.23 -4.84 14.43
C GLN A 6 1.97 -5.96 13.40
N ARG A 7 0.68 -6.19 13.13
CA ARG A 7 0.17 -6.68 11.83
C ARG A 7 -1.14 -5.96 11.46
N THR A 8 -1.40 -5.87 10.15
CA THR A 8 -2.54 -5.30 9.40
C THR A 8 -3.07 -3.94 9.87
N HIS A 9 -2.81 -2.91 9.05
CA HIS A 9 -3.22 -1.52 9.29
C HIS A 9 -4.24 -0.99 8.25
N PHE A 10 -5.05 -1.90 7.67
CA PHE A 10 -5.97 -1.59 6.58
C PHE A 10 -7.41 -2.06 6.86
N THR A 11 -8.40 -1.19 6.66
CA THR A 11 -9.84 -1.51 6.56
C THR A 11 -10.27 -1.52 5.08
N SER A 12 -11.43 -2.07 4.74
CA SER A 12 -11.96 -2.00 3.36
C SER A 12 -12.20 -0.54 2.91
N GLN A 13 -12.64 0.33 3.82
CA GLN A 13 -12.79 1.77 3.61
C GLN A 13 -11.45 2.49 3.34
N GLN A 14 -10.33 1.99 3.88
CA GLN A 14 -8.97 2.49 3.55
C GLN A 14 -8.47 1.89 2.23
N LEU A 15 -8.69 0.59 2.00
CA LEU A 15 -8.26 -0.14 0.80
C LEU A 15 -8.92 0.39 -0.49
N GLN A 16 -10.17 0.85 -0.43
CA GLN A 16 -10.85 1.50 -1.56
C GLN A 16 -10.17 2.81 -2.03
N GLU A 17 -9.38 3.50 -1.20
CA GLU A 17 -8.56 4.65 -1.65
C GLU A 17 -7.20 4.21 -2.20
N LEU A 18 -6.62 3.13 -1.62
CA LEU A 18 -5.34 2.56 -2.05
C LEU A 18 -5.42 1.92 -3.45
N GLU A 19 -6.47 1.13 -3.72
CA GLU A 19 -6.68 0.53 -5.05
C GLU A 19 -7.12 1.56 -6.10
N ALA A 20 -7.91 2.58 -5.72
CA ALA A 20 -8.29 3.69 -6.59
C ALA A 20 -7.09 4.59 -6.94
N THR A 21 -6.08 4.66 -6.07
CA THR A 21 -4.77 5.24 -6.39
C THR A 21 -4.02 4.34 -7.38
N PHE A 22 -3.87 3.05 -7.09
CA PHE A 22 -3.16 2.10 -7.97
C PHE A 22 -3.72 2.09 -9.40
N GLN A 23 -5.04 2.22 -9.57
CA GLN A 23 -5.68 2.31 -10.89
C GLN A 23 -5.27 3.54 -11.72
N ARG A 24 -4.82 4.64 -11.11
CA ARG A 24 -4.38 5.86 -11.83
C ARG A 24 -2.86 6.06 -11.82
N ASN A 25 -2.17 5.59 -10.77
CA ASN A 25 -0.73 5.71 -10.58
C ASN A 25 -0.17 4.53 -9.75
N ARG A 26 0.75 3.76 -10.34
CA ARG A 26 1.43 2.62 -9.69
C ARG A 26 2.53 3.04 -8.71
N TYR A 27 3.04 4.26 -8.83
CA TYR A 27 4.21 4.78 -8.10
C TYR A 27 4.01 6.25 -7.70
N PRO A 28 3.24 6.52 -6.62
CA PRO A 28 3.04 7.87 -6.10
C PRO A 28 4.34 8.50 -5.55
N ASP A 29 4.29 9.82 -5.35
CA ASP A 29 5.33 10.63 -4.72
C ASP A 29 5.25 10.57 -3.17
N MET A 30 6.34 10.87 -2.46
CA MET A 30 6.26 11.17 -1.01
C MET A 30 5.23 12.26 -0.66
N SER A 31 5.05 13.24 -1.55
CA SER A 31 4.07 14.34 -1.39
C SER A 31 2.62 13.92 -1.66
N THR A 32 2.41 12.75 -2.28
CA THR A 32 1.10 12.14 -2.57
C THR A 32 0.75 11.04 -1.57
N ARG A 33 1.72 10.21 -1.16
CA ARG A 33 1.52 9.18 -0.12
C ARG A 33 1.04 9.77 1.21
N GLU A 34 1.47 10.99 1.54
CA GLU A 34 0.96 11.70 2.72
C GLU A 34 -0.50 12.17 2.60
N GLU A 35 -1.02 12.46 1.39
CA GLU A 35 -2.41 12.88 1.18
C GLU A 35 -3.36 11.68 1.30
N ILE A 36 -2.99 10.56 0.66
CA ILE A 36 -3.66 9.26 0.81
C ILE A 36 -3.74 8.88 2.30
N ALA A 37 -2.66 9.13 3.05
CA ALA A 37 -2.61 8.94 4.49
C ALA A 37 -3.54 9.92 5.26
N VAL A 38 -3.65 11.19 4.87
CA VAL A 38 -4.61 12.15 5.46
C VAL A 38 -6.06 11.72 5.24
N TRP A 39 -6.39 11.18 4.07
CA TRP A 39 -7.75 10.68 3.77
C TRP A 39 -8.11 9.40 4.53
N THR A 40 -7.13 8.56 4.87
CA THR A 40 -7.30 7.22 5.47
C THR A 40 -6.96 7.13 6.97
N ASN A 41 -6.40 8.19 7.56
CA ASN A 41 -5.80 8.24 8.91
C ASN A 41 -4.48 7.48 9.10
N LEU A 42 -3.86 6.99 8.01
CA LEU A 42 -2.51 6.43 7.99
C LEU A 42 -1.43 7.52 8.20
N THR A 43 -0.16 7.12 8.14
CA THR A 43 1.01 7.99 7.89
C THR A 43 1.73 7.52 6.62
N GLU A 44 2.50 8.43 5.97
CA GLU A 44 3.17 8.23 4.67
C GLU A 44 3.87 6.87 4.53
N ALA A 45 4.72 6.48 5.50
CA ALA A 45 5.49 5.24 5.44
C ALA A 45 4.61 3.97 5.45
N ARG A 46 3.37 4.04 5.92
CA ARG A 46 2.42 2.91 5.96
C ARG A 46 1.71 2.74 4.61
N VAL A 47 1.39 3.85 3.93
CA VAL A 47 0.97 3.82 2.52
C VAL A 47 2.10 3.28 1.64
N ARG A 48 3.35 3.67 1.93
CA ARG A 48 4.57 3.16 1.28
C ARG A 48 4.70 1.63 1.41
N VAL A 49 4.41 1.06 2.61
CA VAL A 49 4.37 -0.41 2.81
C VAL A 49 3.33 -1.05 1.91
N TRP A 50 2.07 -0.61 1.91
CA TRP A 50 1.03 -1.28 1.11
C TRP A 50 1.37 -1.29 -0.38
N PHE A 51 1.87 -0.17 -0.91
CA PHE A 51 2.29 -0.09 -2.31
C PHE A 51 3.42 -1.06 -2.66
N LYS A 52 4.55 -1.03 -1.93
CA LYS A 52 5.69 -1.93 -2.22
C LYS A 52 5.39 -3.39 -1.93
N ASN A 53 4.64 -3.69 -0.86
CA ASN A 53 4.32 -5.07 -0.47
C ASN A 53 3.36 -5.74 -1.48
N ARG A 54 2.44 -4.97 -2.08
CA ARG A 54 1.60 -5.44 -3.19
C ARG A 54 2.35 -5.55 -4.52
N ARG A 55 3.48 -4.83 -4.73
CA ARG A 55 4.42 -5.15 -5.84
C ARG A 55 5.14 -6.47 -5.55
N ALA A 56 5.68 -6.61 -4.33
CA ALA A 56 6.37 -7.81 -3.85
C ALA A 56 5.49 -9.08 -3.90
N LYS A 57 4.16 -8.96 -3.75
CA LYS A 57 3.20 -10.07 -3.90
C LYS A 57 3.35 -10.79 -5.25
N TRP A 58 3.66 -10.05 -6.33
CA TRP A 58 3.93 -10.62 -7.65
C TRP A 58 5.26 -11.39 -7.66
N ARG A 59 6.34 -10.81 -7.10
CA ARG A 59 7.71 -11.33 -7.25
C ARG A 59 8.14 -12.32 -6.16
N LYS A 60 7.40 -12.42 -5.05
CA LYS A 60 7.45 -13.57 -4.14
C LYS A 60 6.83 -14.80 -4.82
N ARG A 61 5.62 -14.67 -5.37
CA ARG A 61 4.90 -15.76 -6.07
C ARG A 61 5.54 -16.17 -7.41
N GLU A 62 5.95 -15.21 -8.24
CA GLU A 62 6.29 -15.41 -9.65
C GLU A 62 7.60 -14.72 -10.08
N GLU A 63 8.67 -14.78 -9.27
CA GLU A 63 10.03 -14.76 -9.86
C GLU A 63 10.33 -16.06 -10.63
N PHE A 64 9.57 -17.12 -10.33
CA PHE A 64 9.51 -18.38 -11.08
C PHE A 64 8.89 -18.25 -12.49
N ILE A 65 8.11 -17.19 -12.77
CA ILE A 65 7.41 -17.00 -14.05
C ILE A 65 7.71 -15.60 -14.63
N VAL A 66 8.62 -15.57 -15.59
CA VAL A 66 9.11 -14.36 -16.29
C VAL A 66 9.28 -14.69 -17.78
N THR A 67 8.65 -13.91 -18.66
CA THR A 67 8.55 -14.08 -20.13
C THR A 67 7.94 -15.40 -20.64
N ASP A 68 7.71 -16.40 -19.78
CA ASP A 68 7.17 -17.74 -20.10
C ASP A 68 5.77 -17.71 -20.73
N GLY A 1 5.57 -10.68 26.32
CA GLY A 1 6.98 -10.26 26.28
C GLY A 1 7.06 -8.87 25.66
N SER A 2 8.14 -8.56 24.95
CA SER A 2 8.29 -7.28 24.25
C SER A 2 7.55 -7.24 22.89
N GLN A 3 7.23 -6.03 22.42
CA GLN A 3 6.51 -5.80 21.16
C GLN A 3 7.42 -5.87 19.93
N ARG A 4 6.98 -6.59 18.89
CA ARG A 4 7.56 -6.55 17.53
C ARG A 4 6.48 -6.65 16.45
N ARG A 5 6.64 -5.89 15.36
CA ARG A 5 5.68 -5.66 14.25
C ARG A 5 4.28 -5.16 14.66
N GLN A 6 3.92 -3.97 14.18
CA GLN A 6 2.60 -3.36 14.44
C GLN A 6 1.42 -4.04 13.71
N ARG A 7 1.70 -4.60 12.52
CA ARG A 7 0.82 -5.29 11.55
C ARG A 7 -0.67 -4.92 11.69
N THR A 8 -1.08 -3.79 11.12
CA THR A 8 -2.47 -3.30 11.22
C THR A 8 -3.47 -4.16 10.43
N HIS A 9 -4.76 -3.97 10.70
CA HIS A 9 -5.91 -4.66 10.08
C HIS A 9 -6.89 -3.66 9.43
N PHE A 10 -6.49 -3.10 8.29
CA PHE A 10 -7.21 -2.05 7.54
C PHE A 10 -8.69 -2.37 7.29
N THR A 11 -9.55 -1.34 7.23
CA THR A 11 -10.90 -1.48 6.67
C THR A 11 -10.84 -1.70 5.16
N SER A 12 -11.85 -2.32 4.57
CA SER A 12 -11.97 -2.40 3.10
C SER A 12 -12.19 -1.00 2.50
N GLN A 13 -12.74 -0.05 3.27
CA GLN A 13 -12.83 1.36 2.90
C GLN A 13 -11.45 2.04 2.74
N GLN A 14 -10.45 1.70 3.57
CA GLN A 14 -9.06 2.14 3.41
C GLN A 14 -8.41 1.49 2.18
N LEU A 15 -8.59 0.18 1.99
CA LEU A 15 -8.07 -0.54 0.81
C LEU A 15 -8.64 -0.03 -0.51
N GLN A 16 -9.93 0.33 -0.55
CA GLN A 16 -10.61 0.81 -1.75
C GLN A 16 -10.05 2.13 -2.30
N GLU A 17 -9.44 3.00 -1.48
CA GLU A 17 -8.73 4.19 -1.97
C GLU A 17 -7.29 3.86 -2.40
N LEU A 18 -6.64 2.90 -1.74
CA LEU A 18 -5.30 2.43 -2.07
C LEU A 18 -5.27 1.70 -3.43
N GLU A 19 -6.16 0.73 -3.65
CA GLU A 19 -6.22 -0.03 -4.92
C GLU A 19 -6.69 0.85 -6.09
N ALA A 20 -7.69 1.73 -5.87
CA ALA A 20 -8.16 2.65 -6.90
C ALA A 20 -7.09 3.65 -7.32
N THR A 21 -6.24 4.09 -6.38
CA THR A 21 -5.07 4.92 -6.68
C THR A 21 -4.00 4.11 -7.42
N PHE A 22 -3.65 2.91 -6.94
CA PHE A 22 -2.64 2.04 -7.54
C PHE A 22 -2.96 1.70 -9.01
N GLN A 23 -4.24 1.55 -9.36
CA GLN A 23 -4.71 1.30 -10.73
C GLN A 23 -4.61 2.50 -11.69
N ARG A 24 -4.38 3.73 -11.19
CA ARG A 24 -4.13 4.95 -12.01
C ARG A 24 -2.75 5.57 -11.82
N ASN A 25 -2.04 5.23 -10.74
CA ASN A 25 -0.67 5.65 -10.48
C ASN A 25 0.04 4.68 -9.51
N ARG A 26 1.15 4.07 -9.98
CA ARG A 26 2.02 3.14 -9.23
C ARG A 26 3.38 3.76 -8.80
N TYR A 27 3.55 5.06 -9.03
CA TYR A 27 4.72 5.88 -8.66
C TYR A 27 4.31 7.25 -8.07
N PRO A 28 3.54 7.28 -6.97
CA PRO A 28 3.10 8.54 -6.35
C PRO A 28 4.28 9.36 -5.78
N ASP A 29 4.05 10.66 -5.61
CA ASP A 29 4.99 11.64 -5.05
C ASP A 29 4.88 11.77 -3.52
N MET A 30 5.91 12.28 -2.82
CA MET A 30 5.85 12.58 -1.38
C MET A 30 4.62 13.38 -0.94
N SER A 31 4.18 14.37 -1.73
CA SER A 31 3.05 15.22 -1.38
C SER A 31 1.69 14.69 -1.90
N THR A 32 1.71 13.62 -2.70
CA THR A 32 0.55 12.76 -2.98
C THR A 32 0.41 11.67 -1.91
N ARG A 33 1.53 11.14 -1.40
CA ARG A 33 1.55 10.08 -0.38
C ARG A 33 0.96 10.53 0.95
N GLU A 34 1.25 11.77 1.34
CA GLU A 34 0.66 12.38 2.55
C GLU A 34 -0.83 12.75 2.39
N GLU A 35 -1.31 13.01 1.15
CA GLU A 35 -2.74 13.18 0.85
C GLU A 35 -3.50 11.86 1.04
N ILE A 36 -2.97 10.76 0.49
CA ILE A 36 -3.54 9.41 0.69
C ILE A 36 -3.59 9.08 2.19
N ALA A 37 -2.59 9.51 2.96
CA ALA A 37 -2.57 9.37 4.42
C ALA A 37 -3.59 10.28 5.17
N VAL A 38 -4.11 11.36 4.55
CA VAL A 38 -5.31 12.05 5.07
C VAL A 38 -6.57 11.26 4.72
N TRP A 39 -6.75 10.89 3.44
CA TRP A 39 -7.98 10.23 2.95
C TRP A 39 -8.24 8.89 3.67
N THR A 40 -7.18 8.11 3.91
CA THR A 40 -7.24 6.81 4.62
C THR A 40 -6.93 6.91 6.12
N ASN A 41 -6.52 8.09 6.61
CA ASN A 41 -6.08 8.37 7.98
C ASN A 41 -4.87 7.52 8.47
N LEU A 42 -3.98 7.16 7.54
CA LEU A 42 -2.69 6.51 7.76
C LEU A 42 -1.60 7.53 8.16
N THR A 43 -0.34 7.10 8.22
CA THR A 43 0.83 8.01 8.10
C THR A 43 1.44 7.87 6.69
N GLU A 44 2.27 8.83 6.28
CA GLU A 44 2.96 8.79 4.97
C GLU A 44 3.71 7.46 4.75
N ALA A 45 4.47 7.02 5.76
CA ALA A 45 5.22 5.76 5.69
C ALA A 45 4.31 4.54 5.54
N ARG A 46 3.14 4.48 6.20
CA ARG A 46 2.21 3.33 6.08
C ARG A 46 1.71 3.14 4.65
N VAL A 47 1.53 4.24 3.90
CA VAL A 47 1.18 4.22 2.47
C VAL A 47 2.38 3.76 1.62
N ARG A 48 3.58 4.30 1.90
CA ARG A 48 4.85 3.91 1.23
C ARG A 48 5.09 2.39 1.30
N VAL A 49 4.78 1.82 2.46
CA VAL A 49 4.87 0.40 2.80
C VAL A 49 3.79 -0.45 2.11
N TRP A 50 2.58 0.05 1.94
CA TRP A 50 1.53 -0.71 1.24
C TRP A 50 1.88 -0.91 -0.24
N PHE A 51 2.40 0.12 -0.92
CA PHE A 51 2.77 0.05 -2.34
C PHE A 51 3.88 -0.98 -2.62
N LYS A 52 4.92 -1.07 -1.79
CA LYS A 52 6.01 -2.05 -1.98
C LYS A 52 5.60 -3.49 -1.63
N ASN A 53 4.65 -3.68 -0.71
CA ASN A 53 4.04 -4.99 -0.45
C ASN A 53 3.01 -5.38 -1.53
N ARG A 54 2.35 -4.41 -2.20
CA ARG A 54 1.37 -4.68 -3.27
C ARG A 54 2.01 -5.23 -4.55
N ARG A 55 3.24 -4.83 -4.88
CA ARG A 55 4.04 -5.51 -5.92
C ARG A 55 4.62 -6.85 -5.48
N ALA A 56 4.96 -7.02 -4.20
CA ALA A 56 5.32 -8.34 -3.65
C ALA A 56 4.15 -9.35 -3.75
N LYS A 57 2.90 -8.90 -3.54
CA LYS A 57 1.69 -9.70 -3.80
C LYS A 57 1.51 -10.12 -5.26
N TRP A 58 2.12 -9.42 -6.22
CA TRP A 58 2.21 -9.91 -7.61
C TRP A 58 3.30 -10.97 -7.75
N ARG A 59 4.54 -10.69 -7.29
CA ARG A 59 5.67 -11.64 -7.37
C ARG A 59 5.39 -12.99 -6.70
N LYS A 60 4.71 -13.02 -5.56
CA LYS A 60 4.52 -14.22 -4.72
C LYS A 60 3.34 -15.12 -5.14
N ARG A 61 2.58 -14.69 -6.17
CA ARG A 61 1.60 -15.51 -6.92
C ARG A 61 1.99 -15.71 -8.39
N GLU A 62 2.61 -14.72 -9.03
CA GLU A 62 3.12 -14.77 -10.42
C GLU A 62 4.48 -14.06 -10.62
N GLU A 63 4.51 -12.85 -11.21
CA GLU A 63 5.63 -12.27 -12.00
C GLU A 63 6.13 -13.13 -13.18
N PHE A 64 6.06 -14.47 -13.12
CA PHE A 64 6.24 -15.37 -14.28
C PHE A 64 5.08 -15.27 -15.30
N ILE A 65 3.97 -14.63 -14.91
CA ILE A 65 2.96 -14.04 -15.80
C ILE A 65 3.13 -12.52 -15.78
N VAL A 66 3.00 -11.88 -16.94
CA VAL A 66 3.18 -10.44 -17.10
C VAL A 66 2.02 -9.80 -17.86
N THR A 67 1.65 -8.59 -17.46
CA THR A 67 0.55 -7.83 -18.06
C THR A 67 0.93 -7.36 -19.47
N ASP A 68 -0.02 -7.43 -20.40
CA ASP A 68 0.14 -7.03 -21.82
C ASP A 68 -1.18 -6.51 -22.41
#